data_9Q9Z
#
_entry.id   9Q9Z
#
_cell.length_a   1.00
_cell.length_b   1.00
_cell.length_c   1.00
_cell.angle_alpha   90.00
_cell.angle_beta   90.00
_cell.angle_gamma   90.00
#
_symmetry.space_group_name_H-M   'P 1'
#
loop_
_entity.id
_entity.type
_entity.pdbx_description
1 polymer 'NFX1-type zinc finger-containing protein 1'
2 non-polymer 'ZINC ION'
#
_entity_poly.entity_id   1
_entity_poly.type   'polypeptide(L)'
_entity_poly.pdbx_seq_one_letter_code
;MKGSAWSHPQFEKGGGSGGGSGGSAWSHPQFEKAEAAAKEAAAKEAAAKEAAAKALEAEAAAKEAAAKEAAAKEAAAKAL
EVLFQGPMEERRPHLDARPRNSHTNHRGPVDGELPPRARNQANNPPANALRGGASHPGRHPRANNHPAAYWQREERFRAM
GRNPHQGRRNQEGHASDEARDQRHDQENDTRWRNGNQDCRNRRPPWSNDNFQQWRTPHQKPTEQPQQAKKLGYKFLESLL
QKDPSEVVITLATSLGLKELLSHSSMKSNFLELICQVLRKACSSKMDRQSVLHVLGILKNSKFLKVCLPAYVVGMITEPI
PDIRNQYPEHISNIISLLQDLVSVFPASSVQETSMLVSLLPTSLNALRASGVDIEEETEKNLEKVQTIIEHLQEKRREGT
LRVDTYTLVQPEAEDHVESYRTMPIYPTYNEVHLDERPFLRPNIISGKYDSTAIYLDTHFRLLREDFVRPLREGILELLQ
SFEDQGLRKRKFDDIRIYFDTRIITPMCSSSGIVYKVQFDTKPLKFVRWQNSKRLLYGSLVCMSKDNFETFLFATVSNRE
QEDLCRGIVQLCFNEQSQQLLAEVQPSDSFLMVETTAYFEAYRHVLEGLQEVQEEDVPFQRNIVECNSHVKEPRYLLMGG
RYDFTPLIENPSATGEFLRNVEGLRHPRINVLDPGQWPSKEALKLDDSQMEALQFALTRELAIIQGPPGTGKTYVGLKIV
QALLTNESVWQISLQKFPILVVCYTNHALDQFLEGIYNCQKTSIVRVGGRSNSEILKQFTLRELRNKREFRRNLPMHLRR
AYMSIMTQMKESEQELHEGAKTLECTMRGVLREQYLQKYISPQHWESLMNGPVQDSEWICFQHWKHSMMLEWLGLGVGSF
TQSVSPAGPENTAQAEGDEEEEGEEESSLIEIAEEADLIQADRVIEEEEVVRPQRRKKEESGADQELAKMLLAMRLDHCG
TGTAAGQEQATGEWQTQRNQKKKMKKRVKDELRKLNTMTAAEANEIEDVWQLDLSSRWQLYRLWLQLYQADTRRKILSYE
RQYRTSAERMAELRLQEDLHILKDAQVVGMTTTGAAKYRQILQKVEPRIVIVEEAAEVLEAHTIATLSKACQHLILIGDH
QQLRPSANVYDLAKNFNLEVSLFERLVKVNIPFVRLNYQHRMCPEIARLLTPHIYQDLENHPSVLKYEKIKGVSSNLFFV
EHNFPEQEIQEGKSHQNQHEAHFVVELCKYFLCQEYLPSQITILTTYTGQLFCLRKLMPAKTFAGVRVHVVDKYQGEEND
IILLSLVRSNQEGKVGFLQISNRICVALSRAKKGMYCIGNMQMLAKVPLWSKIIHTLRENNQIGPMLRLCCQNHPETHTL
VSKASDFQKVPEGGCSLPCEFRLGCGHVCTRACHPYDSSHKEFQCMKPCQKVICQEGHRCPLVCFQECQPCQVKVPKTIP
RCGHEQMVPCS
;
_entity_poly.pdbx_strand_id   A
#
# COMPACT_ATOMS: atom_id res chain seq x y z
N VAL A 417 7.70 -38.34 -12.71
CA VAL A 417 7.26 -37.14 -12.01
C VAL A 417 7.62 -35.90 -12.82
N GLU A 418 6.62 -35.07 -13.09
CA GLU A 418 6.85 -33.85 -13.84
C GLU A 418 7.52 -32.80 -12.96
N SER A 419 8.59 -32.21 -13.47
CA SER A 419 9.19 -31.07 -12.79
C SER A 419 8.27 -29.88 -12.83
N TYR A 420 8.39 -29.00 -11.83
CA TYR A 420 7.60 -27.78 -11.81
C TYR A 420 7.81 -26.96 -13.07
N ARG A 421 9.00 -27.06 -13.66
CA ARG A 421 9.28 -26.32 -14.90
C ARG A 421 8.39 -26.81 -16.04
N THR A 422 8.19 -28.11 -16.14
CA THR A 422 7.38 -28.66 -17.22
C THR A 422 5.88 -28.48 -16.99
N MET A 423 5.48 -28.09 -15.79
CA MET A 423 4.07 -27.88 -15.52
C MET A 423 3.60 -26.63 -16.27
N PRO A 424 2.60 -26.74 -17.15
CA PRO A 424 2.13 -25.56 -17.87
C PRO A 424 1.52 -24.54 -16.92
N ILE A 425 1.91 -23.28 -17.11
CA ILE A 425 1.44 -22.21 -16.23
C ILE A 425 -0.07 -22.03 -16.38
N TYR A 426 -0.56 -22.04 -17.60
CA TYR A 426 -1.98 -21.90 -17.84
C TYR A 426 -2.71 -23.16 -17.41
N PRO A 427 -4.00 -23.05 -17.09
CA PRO A 427 -4.79 -24.25 -16.81
C PRO A 427 -4.95 -25.09 -18.07
N THR A 428 -5.10 -26.40 -17.87
CA THR A 428 -5.26 -27.34 -18.97
C THR A 428 -6.72 -27.76 -19.11
N TYR A 429 -7.01 -28.48 -20.20
CA TYR A 429 -8.33 -29.03 -20.44
C TYR A 429 -8.75 -29.95 -19.30
N ASN A 430 -7.80 -30.78 -18.84
CA ASN A 430 -8.08 -31.72 -17.77
C ASN A 430 -8.41 -31.01 -16.47
N GLU A 431 -7.61 -29.99 -16.11
CA GLU A 431 -7.79 -29.30 -14.85
C GLU A 431 -9.20 -28.73 -14.71
N VAL A 432 -9.81 -28.33 -15.82
CA VAL A 432 -11.12 -27.70 -15.77
C VAL A 432 -12.25 -28.72 -15.95
N HIS A 433 -12.19 -29.55 -16.99
CA HIS A 433 -13.34 -30.42 -17.27
C HIS A 433 -13.46 -31.62 -16.35
N LEU A 434 -12.37 -32.29 -15.99
CA LEU A 434 -12.47 -33.36 -15.00
C LEU A 434 -11.89 -32.86 -13.68
N ASP A 435 -12.48 -33.30 -12.58
CA ASP A 435 -12.13 -32.78 -11.25
C ASP A 435 -10.88 -33.44 -10.69
N GLU A 436 -9.72 -33.19 -11.33
CA GLU A 436 -8.46 -33.63 -10.74
C GLU A 436 -8.05 -32.64 -9.66
N ARG A 437 -7.63 -33.17 -8.51
CA ARG A 437 -7.02 -32.33 -7.50
C ARG A 437 -5.50 -32.38 -7.69
N PRO A 438 -4.86 -31.28 -8.07
CA PRO A 438 -3.40 -31.29 -8.19
C PRO A 438 -2.74 -31.42 -6.83
N PHE A 439 -1.65 -32.18 -6.79
CA PHE A 439 -0.96 -32.43 -5.53
C PHE A 439 -0.31 -31.15 -5.04
N LEU A 440 -0.55 -30.81 -3.77
CA LEU A 440 -0.06 -29.58 -3.18
C LEU A 440 0.52 -29.87 -1.81
N ARG A 441 1.49 -29.07 -1.41
CA ARG A 441 2.08 -29.22 -0.10
C ARG A 441 2.00 -27.94 0.70
N PRO A 442 1.49 -27.99 1.93
CA PRO A 442 1.53 -26.80 2.79
C PRO A 442 2.96 -26.49 3.20
N ASN A 443 3.21 -25.22 3.45
CA ASN A 443 4.56 -24.78 3.82
C ASN A 443 4.93 -25.29 5.21
N ILE A 444 6.13 -25.84 5.33
CA ILE A 444 6.64 -26.28 6.63
C ILE A 444 7.23 -25.05 7.32
N ILE A 445 6.39 -24.30 8.03
CA ILE A 445 6.83 -23.13 8.77
C ILE A 445 7.36 -23.48 10.14
N SER A 446 7.33 -24.76 10.52
CA SER A 446 7.83 -25.20 11.81
C SER A 446 9.05 -26.12 11.68
N GLY A 447 9.60 -26.26 10.48
CA GLY A 447 10.73 -27.14 10.29
C GLY A 447 11.41 -26.87 8.98
N LYS A 448 12.47 -27.64 8.75
CA LYS A 448 13.28 -27.49 7.55
C LYS A 448 12.63 -28.22 6.36
N TYR A 449 13.11 -27.87 5.17
CA TYR A 449 12.65 -28.51 3.95
C TYR A 449 13.58 -29.67 3.59
N ASP A 450 12.98 -30.76 3.10
CA ASP A 450 13.78 -31.93 2.74
C ASP A 450 14.77 -31.61 1.62
N SER A 451 14.35 -30.85 0.62
CA SER A 451 15.25 -30.47 -0.46
C SER A 451 14.85 -29.11 -1.01
N THR A 452 15.82 -28.42 -1.60
CA THR A 452 15.50 -27.18 -2.30
C THR A 452 14.65 -27.45 -3.53
N ALA A 453 14.82 -28.62 -4.14
CA ALA A 453 14.00 -28.97 -5.29
C ALA A 453 12.53 -29.00 -4.92
N ILE A 454 12.17 -29.76 -3.88
CA ILE A 454 10.79 -29.81 -3.44
C ILE A 454 10.34 -28.47 -2.91
N TYR A 455 11.29 -27.67 -2.41
CA TYR A 455 10.99 -26.31 -1.95
C TYR A 455 10.46 -25.47 -3.11
N LEU A 456 11.21 -25.42 -4.21
CA LEU A 456 10.73 -24.71 -5.39
C LEU A 456 9.46 -25.33 -5.94
N ASP A 457 9.37 -26.66 -5.93
CA ASP A 457 8.16 -27.32 -6.40
C ASP A 457 6.94 -26.85 -5.62
N THR A 458 7.05 -26.85 -4.29
CA THR A 458 5.94 -26.44 -3.45
C THR A 458 5.55 -25.00 -3.73
N HIS A 459 6.54 -24.11 -3.83
CA HIS A 459 6.21 -22.71 -4.03
C HIS A 459 5.54 -22.49 -5.38
N PHE A 460 6.07 -23.09 -6.44
CA PHE A 460 5.47 -22.91 -7.75
C PHE A 460 4.06 -23.49 -7.79
N ARG A 461 3.88 -24.67 -7.21
CA ARG A 461 2.56 -25.29 -7.24
C ARG A 461 1.54 -24.44 -6.49
N LEU A 462 1.92 -23.93 -5.32
CA LEU A 462 1.00 -23.10 -4.55
C LEU A 462 0.63 -21.84 -5.30
N LEU A 463 1.62 -21.13 -5.85
CA LEU A 463 1.30 -19.88 -6.55
C LEU A 463 0.48 -20.15 -7.80
N ARG A 464 0.84 -21.18 -8.56
CA ARG A 464 0.08 -21.51 -9.76
C ARG A 464 -1.37 -21.80 -9.42
N GLU A 465 -1.61 -22.67 -8.44
CA GLU A 465 -2.98 -22.99 -8.04
C GLU A 465 -3.70 -21.76 -7.52
N ASP A 466 -3.01 -20.93 -6.73
CA ASP A 466 -3.58 -19.67 -6.28
C ASP A 466 -4.12 -18.88 -7.45
N PHE A 467 -3.36 -18.78 -8.53
CA PHE A 467 -3.85 -18.01 -9.67
C PHE A 467 -4.95 -18.71 -10.45
N VAL A 468 -4.88 -20.04 -10.59
CA VAL A 468 -5.77 -20.67 -11.58
C VAL A 468 -7.08 -21.12 -10.94
N ARG A 469 -7.04 -21.54 -9.66
CA ARG A 469 -8.23 -22.10 -9.03
C ARG A 469 -9.43 -21.19 -9.11
N PRO A 470 -9.33 -19.88 -8.87
CA PRO A 470 -10.49 -19.01 -9.14
C PRO A 470 -10.95 -19.11 -10.57
N LEU A 471 -10.03 -19.17 -11.52
CA LEU A 471 -10.43 -19.24 -12.93
C LEU A 471 -11.13 -20.55 -13.24
N ARG A 472 -10.58 -21.67 -12.78
CA ARG A 472 -11.20 -22.97 -13.06
C ARG A 472 -12.57 -23.09 -12.39
N GLU A 473 -12.68 -22.60 -11.15
CA GLU A 473 -13.97 -22.65 -10.48
C GLU A 473 -14.99 -21.75 -11.16
N GLY A 474 -14.54 -20.58 -11.64
CA GLY A 474 -15.45 -19.71 -12.37
C GLY A 474 -15.92 -20.32 -13.67
N ILE A 475 -15.02 -20.99 -14.39
CA ILE A 475 -15.40 -21.67 -15.62
C ILE A 475 -16.39 -22.78 -15.33
N LEU A 476 -16.17 -23.53 -14.23
CA LEU A 476 -17.10 -24.59 -13.85
C LEU A 476 -18.47 -24.00 -13.55
N GLU A 477 -18.51 -22.91 -12.79
CA GLU A 477 -19.78 -22.28 -12.46
C GLU A 477 -20.48 -21.77 -13.72
N LEU A 478 -19.71 -21.20 -14.66
CA LEU A 478 -20.30 -20.70 -15.90
C LEU A 478 -20.89 -21.84 -16.72
N LEU A 479 -20.16 -22.94 -16.86
CA LEU A 479 -20.67 -24.04 -17.68
C LEU A 479 -21.89 -24.68 -17.02
N GLN A 480 -21.92 -24.72 -15.68
CA GLN A 480 -23.11 -25.23 -15.01
C GLN A 480 -24.27 -24.25 -15.09
N SER A 481 -23.98 -22.96 -15.27
CA SER A 481 -25.01 -21.93 -15.32
C SER A 481 -25.41 -21.55 -16.74
N PHE A 482 -24.84 -22.20 -17.76
CA PHE A 482 -25.24 -21.90 -19.13
C PHE A 482 -26.71 -22.22 -19.37
N GLU A 483 -27.19 -23.33 -18.79
CA GLU A 483 -28.60 -23.70 -18.91
C GLU A 483 -29.54 -22.67 -18.31
N ASP A 484 -29.04 -21.82 -17.42
CA ASP A 484 -29.83 -20.75 -16.82
C ASP A 484 -29.85 -19.55 -17.77
N GLN A 485 -31.03 -18.96 -17.96
CA GLN A 485 -31.16 -17.84 -18.88
C GLN A 485 -30.59 -16.54 -18.33
N GLY A 486 -30.44 -16.41 -17.02
CA GLY A 486 -29.94 -15.19 -16.44
C GLY A 486 -28.43 -15.14 -16.35
N LEU A 487 -27.75 -15.14 -17.50
CA LEU A 487 -26.29 -15.12 -17.57
C LEU A 487 -25.74 -13.72 -17.72
N ARG A 488 -26.36 -12.90 -18.58
CA ARG A 488 -25.88 -11.53 -18.80
C ARG A 488 -25.94 -10.70 -17.53
N LYS A 489 -26.97 -10.89 -16.71
CA LYS A 489 -27.15 -10.07 -15.52
C LYS A 489 -26.38 -10.58 -14.32
N ARG A 490 -25.90 -11.82 -14.34
CA ARG A 490 -25.23 -12.38 -13.17
C ARG A 490 -23.81 -11.85 -13.06
N LYS A 491 -23.50 -11.30 -11.90
CA LYS A 491 -22.14 -10.84 -11.60
C LYS A 491 -21.34 -12.00 -11.03
N PHE A 492 -20.24 -12.34 -11.68
CA PHE A 492 -19.33 -13.34 -11.17
C PHE A 492 -18.19 -12.64 -10.44
N ASP A 493 -17.92 -13.09 -9.21
CA ASP A 493 -16.99 -12.37 -8.33
C ASP A 493 -15.58 -12.33 -8.91
N ASP A 494 -15.11 -13.45 -9.45
CA ASP A 494 -13.71 -13.58 -9.83
C ASP A 494 -13.45 -13.47 -11.33
N ILE A 495 -14.50 -13.48 -12.16
CA ILE A 495 -14.33 -13.40 -13.60
C ILE A 495 -15.28 -12.37 -14.18
N ARG A 496 -14.93 -11.87 -15.36
CA ARG A 496 -15.71 -10.86 -16.07
C ARG A 496 -16.05 -11.39 -17.45
N ILE A 497 -17.23 -11.04 -17.95
CA ILE A 497 -17.77 -11.58 -19.19
C ILE A 497 -18.02 -10.45 -20.18
N TYR A 498 -17.60 -10.67 -21.42
CA TYR A 498 -17.87 -9.75 -22.52
C TYR A 498 -18.53 -10.54 -23.64
N PHE A 499 -19.69 -10.08 -24.10
CA PHE A 499 -20.54 -10.89 -24.95
C PHE A 499 -20.40 -10.49 -26.42
N ASP A 500 -20.58 -11.49 -27.29
CA ASP A 500 -20.43 -11.34 -28.74
C ASP A 500 -19.12 -10.64 -29.07
N THR A 501 -18.02 -11.30 -28.74
CA THR A 501 -16.69 -10.74 -28.97
C THR A 501 -16.06 -11.43 -30.17
N ARG A 502 -15.88 -10.68 -31.26
CA ARG A 502 -15.35 -11.21 -32.49
C ARG A 502 -13.94 -10.70 -32.73
N ILE A 503 -13.14 -11.50 -33.42
CA ILE A 503 -11.76 -11.18 -33.74
C ILE A 503 -11.75 -10.51 -35.11
N ILE A 504 -11.26 -9.27 -35.17
CA ILE A 504 -11.54 -8.44 -36.34
C ILE A 504 -10.38 -8.45 -37.33
N THR A 505 -9.23 -7.89 -36.94
CA THR A 505 -8.07 -7.80 -37.86
C THR A 505 -6.76 -8.06 -37.15
N PRO A 506 -5.73 -8.52 -37.86
CA PRO A 506 -4.38 -8.55 -37.27
C PRO A 506 -3.68 -7.21 -37.46
N MET A 507 -2.69 -6.96 -36.60
CA MET A 507 -1.80 -5.82 -36.74
C MET A 507 -0.38 -6.25 -36.39
N CYS A 508 0.60 -5.55 -36.96
CA CYS A 508 2.00 -5.81 -36.66
C CYS A 508 2.50 -4.82 -35.61
N SER A 509 3.14 -5.33 -34.58
CA SER A 509 3.63 -4.51 -33.48
C SER A 509 5.10 -4.81 -33.23
N SER A 510 5.74 -3.95 -32.43
CA SER A 510 7.13 -4.14 -32.09
C SER A 510 7.36 -5.37 -31.22
N SER A 511 6.33 -5.84 -30.53
CA SER A 511 6.44 -7.01 -29.65
C SER A 511 5.97 -8.30 -30.31
N GLY A 512 5.55 -8.24 -31.58
CA GLY A 512 5.09 -9.41 -32.28
C GLY A 512 3.78 -9.16 -33.00
N ILE A 513 2.95 -10.20 -33.07
CA ILE A 513 1.69 -10.16 -33.80
C ILE A 513 0.54 -9.94 -32.80
N VAL A 514 -0.29 -8.94 -33.07
CA VAL A 514 -1.41 -8.58 -32.22
C VAL A 514 -2.67 -8.62 -33.05
N TYR A 515 -3.81 -8.81 -32.38
CA TYR A 515 -5.10 -8.88 -33.05
C TYR A 515 -6.09 -7.92 -32.41
N LYS A 516 -6.73 -7.10 -33.24
CA LYS A 516 -7.84 -6.29 -32.77
C LYS A 516 -9.07 -7.18 -32.56
N VAL A 517 -9.70 -7.05 -31.40
CA VAL A 517 -10.88 -7.83 -31.05
C VAL A 517 -11.91 -6.91 -30.42
N GLN A 518 -13.14 -6.97 -30.93
CA GLN A 518 -14.20 -6.07 -30.50
C GLN A 518 -15.25 -6.83 -29.71
N PHE A 519 -15.69 -6.23 -28.61
CA PHE A 519 -16.76 -6.76 -27.77
C PHE A 519 -17.93 -5.79 -27.75
N ASP A 520 -19.07 -6.29 -27.28
CA ASP A 520 -20.29 -5.48 -27.24
C ASP A 520 -20.19 -4.43 -26.14
N THR A 521 -20.73 -3.25 -26.40
CA THR A 521 -20.68 -2.14 -25.46
C THR A 521 -22.02 -1.83 -24.81
N LYS A 522 -23.10 -2.50 -25.23
CA LYS A 522 -24.41 -2.19 -24.67
C LYS A 522 -24.49 -2.42 -23.15
N PRO A 523 -24.03 -3.54 -22.60
CA PRO A 523 -24.11 -3.69 -21.13
C PRO A 523 -23.04 -2.92 -20.38
N LEU A 524 -22.05 -2.36 -21.08
CA LEU A 524 -20.92 -1.70 -20.47
C LEU A 524 -20.95 -0.19 -20.63
N LYS A 525 -22.14 0.40 -20.83
CA LYS A 525 -22.24 1.85 -20.89
C LYS A 525 -21.90 2.48 -19.54
N PHE A 526 -22.22 1.80 -18.45
CA PHE A 526 -21.88 2.28 -17.11
C PHE A 526 -20.38 2.32 -16.86
N VAL A 527 -19.59 1.63 -17.68
CA VAL A 527 -18.16 1.51 -17.44
C VAL A 527 -17.48 2.83 -17.76
N ARG A 528 -16.77 3.38 -16.78
CA ARG A 528 -15.98 4.60 -16.98
C ARG A 528 -14.52 4.18 -17.15
N TRP A 529 -14.10 4.06 -18.42
CA TRP A 529 -12.85 3.39 -18.74
C TRP A 529 -11.63 4.05 -18.12
N GLN A 530 -11.70 5.35 -17.81
CA GLN A 530 -10.50 6.03 -17.35
C GLN A 530 -10.06 5.52 -15.98
N ASN A 531 -10.99 5.01 -15.19
CA ASN A 531 -10.66 4.49 -13.86
C ASN A 531 -10.81 2.98 -13.74
N SER A 532 -11.38 2.32 -14.75
CA SER A 532 -11.65 0.89 -14.64
C SER A 532 -10.36 0.09 -14.61
N LYS A 533 -10.40 -1.03 -13.90
CA LYS A 533 -9.32 -2.01 -13.90
C LYS A 533 -9.55 -3.13 -14.91
N ARG A 534 -10.64 -3.07 -15.66
CA ARG A 534 -10.97 -4.10 -16.65
C ARG A 534 -9.98 -4.06 -17.82
N LEU A 535 -9.56 -5.24 -18.27
CA LEU A 535 -8.77 -5.40 -19.50
C LEU A 535 -7.57 -4.46 -19.54
N LEU A 536 -6.87 -4.35 -18.42
CA LEU A 536 -5.67 -3.54 -18.42
C LEU A 536 -4.55 -4.23 -19.20
N TYR A 537 -3.52 -3.47 -19.52
CA TYR A 537 -2.33 -4.03 -20.16
C TYR A 537 -1.80 -5.20 -19.36
N GLY A 538 -1.88 -6.40 -19.92
CA GLY A 538 -1.24 -7.56 -19.36
C GLY A 538 -2.16 -8.59 -18.72
N SER A 539 -3.47 -8.49 -18.94
CA SER A 539 -4.40 -9.39 -18.26
C SER A 539 -4.70 -10.63 -19.09
N LEU A 540 -4.81 -11.78 -18.43
CA LEU A 540 -5.32 -12.99 -19.07
C LEU A 540 -6.76 -12.81 -19.54
N VAL A 541 -7.03 -13.32 -20.74
CA VAL A 541 -8.36 -13.35 -21.32
C VAL A 541 -8.52 -14.64 -22.12
N CYS A 542 -9.64 -15.32 -21.95
CA CYS A 542 -9.86 -16.64 -22.53
C CYS A 542 -10.99 -16.59 -23.55
N MET A 543 -10.76 -17.14 -24.74
CA MET A 543 -11.76 -17.24 -25.79
C MET A 543 -12.35 -18.64 -25.84
N SER A 544 -13.58 -18.71 -26.37
CA SER A 544 -14.18 -19.99 -26.76
C SER A 544 -15.49 -19.72 -27.49
N LYS A 545 -15.76 -20.52 -28.51
CA LYS A 545 -17.03 -20.48 -29.22
C LYS A 545 -17.85 -21.75 -29.05
N ASP A 546 -17.43 -22.67 -28.19
CA ASP A 546 -18.09 -23.95 -28.01
C ASP A 546 -18.23 -24.29 -26.53
N ASN A 547 -18.68 -23.32 -25.73
CA ASN A 547 -18.88 -23.50 -24.29
C ASN A 547 -17.61 -24.01 -23.61
N PHE A 548 -16.49 -23.39 -23.97
CA PHE A 548 -15.18 -23.66 -23.38
C PHE A 548 -14.76 -25.12 -23.51
N GLU A 549 -14.99 -25.70 -24.68
CA GLU A 549 -14.30 -26.93 -25.04
C GLU A 549 -12.86 -26.64 -25.45
N THR A 550 -12.64 -25.51 -26.12
CA THR A 550 -11.32 -25.06 -26.54
C THR A 550 -11.05 -23.67 -25.98
N PHE A 551 -9.80 -23.44 -25.57
CA PHE A 551 -9.39 -22.17 -24.99
C PHE A 551 -8.43 -21.47 -25.95
N LEU A 552 -8.52 -20.15 -26.00
CA LEU A 552 -7.52 -19.32 -26.68
C LEU A 552 -6.94 -18.39 -25.62
N PHE A 553 -5.93 -18.85 -24.90
CA PHE A 553 -5.28 -18.02 -23.89
C PHE A 553 -4.68 -16.80 -24.55
N ALA A 554 -4.91 -15.63 -23.96
CA ALA A 554 -4.53 -14.37 -24.57
C ALA A 554 -4.15 -13.36 -23.50
N THR A 555 -3.42 -12.34 -23.92
CA THR A 555 -2.99 -11.27 -23.05
C THR A 555 -3.28 -9.93 -23.70
N VAL A 556 -3.88 -9.02 -22.92
CA VAL A 556 -4.15 -7.67 -23.40
C VAL A 556 -2.83 -6.97 -23.63
N SER A 557 -2.66 -6.39 -24.83
CA SER A 557 -1.38 -5.82 -25.23
C SER A 557 -1.38 -4.30 -25.21
N ASN A 558 -2.40 -3.67 -25.78
CA ASN A 558 -2.41 -2.22 -25.87
C ASN A 558 -3.86 -1.78 -25.78
N ARG A 559 -4.14 -0.85 -24.88
CA ARG A 559 -5.47 -0.31 -24.71
C ARG A 559 -5.43 1.21 -24.83
N GLU A 560 -6.51 1.78 -25.35
CA GLU A 560 -6.71 3.22 -25.42
C GLU A 560 -8.05 3.56 -24.79
N GLN A 561 -8.14 4.75 -24.19
CA GLN A 561 -9.37 5.15 -23.53
C GLN A 561 -10.50 5.36 -24.54
N GLU A 562 -10.22 6.06 -25.64
CA GLU A 562 -11.23 6.24 -26.67
C GLU A 562 -11.54 4.93 -27.37
N ASP A 563 -10.57 4.02 -27.44
CA ASP A 563 -10.79 2.76 -28.14
C ASP A 563 -11.64 1.83 -27.28
N LEU A 564 -11.40 1.82 -25.97
CA LEU A 564 -12.20 1.00 -25.07
C LEU A 564 -13.65 1.43 -25.07
N CYS A 565 -13.92 2.73 -25.24
CA CYS A 565 -15.29 3.21 -25.36
C CYS A 565 -15.99 2.59 -26.56
N ARG A 566 -15.25 2.30 -27.64
CA ARG A 566 -15.81 1.65 -28.81
C ARG A 566 -15.71 0.13 -28.74
N GLY A 567 -15.10 -0.40 -27.67
CA GLY A 567 -15.19 -1.82 -27.39
C GLY A 567 -14.18 -2.71 -28.07
N ILE A 568 -13.06 -2.17 -28.54
CA ILE A 568 -12.02 -2.97 -29.18
C ILE A 568 -10.79 -2.98 -28.27
N VAL A 569 -10.11 -4.13 -28.21
CA VAL A 569 -8.86 -4.25 -27.47
C VAL A 569 -7.85 -4.97 -28.37
N GLN A 570 -6.57 -4.68 -28.14
CA GLN A 570 -5.50 -5.37 -28.83
C GLN A 570 -4.98 -6.50 -27.95
N LEU A 571 -4.89 -7.69 -28.53
CA LEU A 571 -4.56 -8.91 -27.79
C LEU A 571 -3.39 -9.61 -28.45
N CYS A 572 -2.44 -10.06 -27.63
CA CYS A 572 -1.26 -10.78 -28.10
C CYS A 572 -1.41 -12.25 -27.71
N PHE A 573 -1.75 -13.08 -28.69
CA PHE A 573 -1.99 -14.49 -28.42
C PHE A 573 -0.68 -15.21 -28.08
N ASN A 574 -0.81 -16.32 -27.36
CA ASN A 574 0.34 -17.12 -26.99
C ASN A 574 0.64 -18.17 -28.05
N GLU A 575 1.68 -18.97 -27.80
CA GLU A 575 2.18 -19.90 -28.81
C GLU A 575 1.18 -21.01 -29.13
N GLN A 576 0.50 -21.55 -28.11
CA GLN A 576 -0.45 -22.62 -28.37
C GLN A 576 -1.68 -22.12 -29.09
N SER A 577 -2.26 -21.01 -28.62
CA SER A 577 -3.51 -20.54 -29.20
C SER A 577 -3.34 -20.02 -30.61
N GLN A 578 -2.15 -19.52 -30.95
CA GLN A 578 -1.90 -19.01 -32.30
C GLN A 578 -2.07 -20.11 -33.33
N GLN A 579 -1.79 -21.37 -32.96
CA GLN A 579 -2.08 -22.47 -33.87
C GLN A 579 -3.58 -22.60 -34.11
N LEU A 580 -4.39 -22.45 -33.05
CA LEU A 580 -5.83 -22.46 -33.20
C LEU A 580 -6.33 -21.19 -33.86
N LEU A 581 -5.47 -20.19 -34.02
CA LEU A 581 -5.85 -18.97 -34.72
C LEU A 581 -5.92 -19.19 -36.22
N ALA A 582 -5.22 -20.20 -36.74
CA ALA A 582 -5.14 -20.39 -38.18
C ALA A 582 -6.49 -20.63 -38.83
N GLU A 583 -7.49 -21.10 -38.07
CA GLU A 583 -8.78 -21.46 -38.63
C GLU A 583 -9.94 -20.60 -38.16
N VAL A 584 -9.70 -19.58 -37.34
CA VAL A 584 -10.81 -18.78 -36.83
C VAL A 584 -11.29 -17.83 -37.92
N GLN A 585 -12.57 -17.90 -38.25
CA GLN A 585 -13.22 -16.98 -39.18
C GLN A 585 -13.65 -15.73 -38.41
N PRO A 586 -13.59 -14.56 -39.06
CA PRO A 586 -14.02 -13.32 -38.38
C PRO A 586 -15.48 -13.36 -37.94
N SER A 587 -16.35 -14.11 -38.61
CA SER A 587 -17.74 -14.17 -38.22
C SER A 587 -17.93 -14.85 -36.87
N ASP A 588 -16.94 -15.60 -36.40
CA ASP A 588 -17.08 -16.35 -35.16
C ASP A 588 -17.28 -15.41 -33.98
N SER A 589 -18.13 -15.81 -33.04
CA SER A 589 -18.35 -15.07 -31.81
C SER A 589 -17.69 -15.82 -30.66
N PHE A 590 -16.88 -15.12 -29.87
CA PHE A 590 -16.15 -15.73 -28.77
C PHE A 590 -16.60 -15.15 -27.44
N LEU A 591 -16.54 -15.97 -26.40
CA LEU A 591 -16.91 -15.55 -25.05
C LEU A 591 -15.66 -15.10 -24.31
N MET A 592 -15.65 -13.85 -23.86
CA MET A 592 -14.51 -13.23 -23.20
C MET A 592 -14.61 -13.46 -21.70
N VAL A 593 -13.53 -13.98 -21.12
CA VAL A 593 -13.43 -14.16 -19.67
C VAL A 593 -12.10 -13.61 -19.20
N GLU A 594 -12.14 -12.66 -18.28
CA GLU A 594 -10.95 -12.09 -17.67
C GLU A 594 -10.92 -12.41 -16.19
N THR A 595 -9.77 -12.88 -15.71
CA THR A 595 -9.59 -13.03 -14.28
C THR A 595 -9.54 -11.66 -13.60
N THR A 596 -10.16 -11.56 -12.43
CA THR A 596 -10.10 -10.32 -11.68
C THR A 596 -8.68 -10.07 -11.20
N ALA A 597 -7.95 -11.15 -10.93
CA ALA A 597 -6.58 -11.05 -10.43
C ALA A 597 -5.67 -10.37 -11.44
N TYR A 598 -4.68 -9.62 -10.95
CA TYR A 598 -3.72 -8.90 -11.79
C TYR A 598 -2.68 -9.89 -12.28
N PHE A 599 -2.70 -10.16 -13.58
CA PHE A 599 -1.87 -11.24 -14.14
C PHE A 599 -0.39 -11.02 -13.87
N GLU A 600 0.13 -9.83 -14.16
CA GLU A 600 1.56 -9.66 -14.32
C GLU A 600 2.30 -9.92 -13.02
N ALA A 601 1.69 -9.58 -11.89
CA ALA A 601 2.27 -9.87 -10.60
C ALA A 601 2.50 -11.36 -10.43
N TYR A 602 1.71 -12.18 -11.13
CA TYR A 602 1.90 -13.62 -11.10
C TYR A 602 2.72 -14.11 -12.29
N ARG A 603 2.51 -13.51 -13.46
CA ARG A 603 3.10 -14.04 -14.70
C ARG A 603 4.61 -13.91 -14.71
N HIS A 604 5.11 -12.70 -14.45
CA HIS A 604 6.55 -12.50 -14.46
C HIS A 604 7.23 -13.36 -13.39
N VAL A 605 6.67 -13.41 -12.19
CA VAL A 605 7.27 -14.18 -11.12
C VAL A 605 7.26 -15.67 -11.47
N LEU A 606 6.18 -16.16 -12.05
CA LEU A 606 6.12 -17.57 -12.43
C LEU A 606 7.15 -17.89 -13.50
N GLU A 607 7.28 -17.03 -14.51
CA GLU A 607 8.27 -17.27 -15.55
C GLU A 607 9.67 -17.29 -14.96
N GLY A 608 10.00 -16.31 -14.13
CA GLY A 608 11.32 -16.30 -13.51
C GLY A 608 11.53 -17.51 -12.61
N LEU A 609 10.48 -17.95 -11.93
CA LEU A 609 10.59 -19.06 -10.99
C LEU A 609 10.85 -20.36 -11.72
N GLN A 610 10.19 -20.55 -12.86
CA GLN A 610 10.55 -21.69 -13.71
C GLN A 610 11.98 -21.56 -14.21
N GLU A 611 12.39 -20.35 -14.58
CA GLU A 611 13.75 -20.16 -15.09
C GLU A 611 14.79 -20.39 -14.00
N VAL A 612 14.39 -20.28 -12.73
CA VAL A 612 15.33 -20.36 -11.62
C VAL A 612 15.92 -21.77 -11.53
N GLN A 613 17.24 -21.85 -11.55
CA GLN A 613 17.93 -23.11 -11.35
C GLN A 613 18.10 -23.38 -9.86
N GLU A 614 18.05 -24.66 -9.47
CA GLU A 614 18.18 -25.02 -8.07
C GLU A 614 19.47 -24.51 -7.46
N GLU A 615 20.54 -24.46 -8.25
CA GLU A 615 21.83 -24.05 -7.72
C GLU A 615 21.91 -22.53 -7.54
N ASP A 616 21.23 -21.76 -8.40
CA ASP A 616 21.43 -20.32 -8.37
C ASP A 616 20.63 -19.63 -7.27
N VAL A 617 19.82 -20.36 -6.51
CA VAL A 617 19.18 -19.76 -5.33
C VAL A 617 20.23 -19.63 -4.24
N PRO A 618 20.54 -18.42 -3.80
CA PRO A 618 21.57 -18.24 -2.78
C PRO A 618 21.02 -18.53 -1.39
N PHE A 619 21.95 -18.62 -0.44
CA PHE A 619 21.63 -18.95 0.95
C PHE A 619 20.74 -20.17 1.04
N GLN A 620 21.11 -21.25 0.37
CA GLN A 620 20.40 -22.50 0.53
C GLN A 620 20.49 -23.00 1.96
N ARG A 621 21.65 -22.83 2.59
CA ARG A 621 21.88 -23.40 3.92
C ARG A 621 21.10 -22.67 5.00
N ASN A 622 20.51 -21.52 4.68
CA ASN A 622 19.75 -20.75 5.67
C ASN A 622 18.27 -20.76 5.36
N ILE A 623 17.90 -20.45 4.12
CA ILE A 623 16.49 -20.41 3.74
C ILE A 623 15.84 -21.78 3.87
N VAL A 624 16.47 -22.80 3.29
CA VAL A 624 15.87 -24.13 3.21
C VAL A 624 16.31 -25.01 4.36
N GLU A 625 17.61 -25.07 4.62
CA GLU A 625 18.15 -25.90 5.67
C GLU A 625 17.70 -25.45 7.06
N CYS A 626 17.33 -24.17 7.20
CA CYS A 626 16.85 -23.61 8.46
C CYS A 626 17.89 -23.77 9.57
N ASN A 627 19.04 -23.13 9.41
CA ASN A 627 20.07 -23.15 10.43
C ASN A 627 20.18 -21.75 11.04
N SER A 628 20.26 -21.67 12.38
CA SER A 628 20.32 -20.38 13.05
C SER A 628 21.66 -19.66 12.88
N HIS A 629 22.56 -20.19 12.06
CA HIS A 629 23.91 -19.63 11.95
C HIS A 629 23.99 -18.83 10.66
N VAL A 630 24.16 -17.52 10.79
CA VAL A 630 24.36 -16.62 9.65
C VAL A 630 25.76 -16.02 9.75
N LYS A 631 26.59 -16.28 8.73
CA LYS A 631 27.95 -15.78 8.76
C LYS A 631 27.99 -14.32 8.29
N GLU A 632 29.18 -13.75 8.37
CA GLU A 632 29.42 -12.45 7.78
C GLU A 632 29.45 -12.59 6.25
N PRO A 633 29.20 -11.50 5.52
CA PRO A 633 29.29 -11.58 4.06
C PRO A 633 30.67 -12.01 3.61
N ARG A 634 30.72 -12.74 2.50
CA ARG A 634 31.97 -13.36 2.05
C ARG A 634 33.03 -12.32 1.76
N TYR A 635 32.64 -11.10 1.42
CA TYR A 635 33.61 -10.09 1.02
C TYR A 635 34.33 -9.45 2.21
N LEU A 636 33.90 -9.75 3.44
CA LEU A 636 34.63 -9.26 4.61
C LEU A 636 35.83 -10.14 4.95
N LEU A 637 35.92 -11.33 4.37
CA LEU A 637 37.05 -12.20 4.66
C LEU A 637 38.33 -11.72 4.00
N MET A 638 38.23 -10.96 2.91
CA MET A 638 39.42 -10.41 2.27
C MET A 638 39.89 -9.12 2.93
N GLY A 639 39.10 -8.54 3.83
CA GLY A 639 39.49 -7.32 4.50
C GLY A 639 38.84 -6.07 3.92
N GLY A 640 38.32 -5.21 4.79
CA GLY A 640 37.74 -3.96 4.37
C GLY A 640 37.46 -3.03 5.53
N ARG A 641 37.92 -1.78 5.42
CA ARG A 641 37.77 -0.79 6.47
C ARG A 641 36.85 0.32 6.00
N TYR A 642 36.05 0.86 6.91
CA TYR A 642 34.97 1.77 6.55
C TYR A 642 35.24 3.18 7.08
N ASP A 643 34.92 4.17 6.26
CA ASP A 643 34.99 5.58 6.64
C ASP A 643 33.58 6.11 6.83
N PHE A 644 33.28 6.63 8.02
CA PHE A 644 31.94 7.08 8.36
C PHE A 644 31.80 8.60 8.34
N THR A 645 32.75 9.31 7.74
CA THR A 645 32.69 10.78 7.71
C THR A 645 31.45 11.34 7.03
N PRO A 646 31.05 10.89 5.84
CA PRO A 646 29.84 11.48 5.22
C PRO A 646 28.58 11.27 6.04
N LEU A 647 28.49 10.18 6.81
CA LEU A 647 27.34 10.00 7.69
C LEU A 647 27.39 10.94 8.88
N ILE A 648 28.58 11.24 9.39
CA ILE A 648 28.71 12.15 10.52
C ILE A 648 28.47 13.59 10.10
N GLU A 649 29.04 13.98 8.96
CA GLU A 649 29.01 15.37 8.51
C GLU A 649 27.77 15.72 7.72
N ASN A 650 27.26 14.79 6.91
CA ASN A 650 26.09 15.01 6.06
C ASN A 650 26.28 16.21 5.13
N HIS A 666 37.80 11.00 9.11
CA HIS A 666 37.79 9.95 10.11
C HIS A 666 38.62 8.76 9.67
N PRO A 667 39.35 8.15 10.62
CA PRO A 667 40.14 6.97 10.29
C PRO A 667 39.24 5.79 9.89
N ARG A 668 39.76 4.96 8.99
CA ARG A 668 39.00 3.81 8.52
C ARG A 668 38.86 2.79 9.64
N ILE A 669 37.71 2.12 9.68
CA ILE A 669 37.28 1.34 10.83
C ILE A 669 36.92 -0.08 10.38
N ASN A 670 37.47 -1.07 11.07
CA ASN A 670 37.13 -2.47 10.83
C ASN A 670 35.72 -2.72 11.38
N VAL A 671 34.77 -3.02 10.50
CA VAL A 671 33.38 -3.17 10.89
C VAL A 671 33.13 -4.42 11.71
N LEU A 672 34.04 -5.40 11.65
CA LEU A 672 33.89 -6.60 12.47
C LEU A 672 34.16 -6.35 13.95
N ASP A 673 34.72 -5.19 14.30
CA ASP A 673 35.03 -4.87 15.69
C ASP A 673 33.99 -3.88 16.20
N PRO A 674 33.14 -4.26 17.16
CA PRO A 674 32.13 -3.30 17.66
C PRO A 674 32.72 -2.08 18.34
N GLY A 675 33.89 -2.22 18.99
CA GLY A 675 34.43 -1.14 19.79
C GLY A 675 35.01 0.01 18.99
N GLN A 676 35.19 -0.16 17.69
CA GLN A 676 35.76 0.88 16.84
C GLN A 676 34.72 1.74 16.15
N TRP A 677 33.45 1.55 16.44
CA TRP A 677 32.40 2.26 15.73
C TRP A 677 32.34 3.72 16.16
N PRO A 678 31.83 4.63 15.31
CA PRO A 678 31.66 6.02 15.73
C PRO A 678 30.49 6.19 16.71
N SER A 679 30.26 7.43 17.15
CA SER A 679 29.21 7.71 18.12
C SER A 679 27.84 7.76 17.43
N LYS A 680 26.81 7.45 18.22
CA LYS A 680 25.44 7.49 17.70
C LYS A 680 24.97 8.92 17.47
N GLU A 681 25.39 9.86 18.30
CA GLU A 681 24.97 11.25 18.13
C GLU A 681 25.49 11.82 16.82
N ALA A 682 26.74 11.50 16.46
CA ALA A 682 27.30 11.98 15.21
C ALA A 682 26.52 11.44 14.01
N LEU A 683 26.09 10.18 14.08
CA LEU A 683 25.28 9.60 13.03
C LEU A 683 23.80 9.97 13.17
N LYS A 684 23.43 10.70 14.22
CA LYS A 684 22.06 11.14 14.46
C LYS A 684 21.11 9.93 14.54
N LEU A 685 21.51 8.95 15.34
CA LEU A 685 20.74 7.74 15.54
C LEU A 685 20.68 7.40 17.02
N ASP A 686 19.62 6.70 17.43
CA ASP A 686 19.52 6.22 18.79
C ASP A 686 20.24 4.87 18.91
N ASP A 687 20.21 4.29 20.11
CA ASP A 687 20.99 3.08 20.37
C ASP A 687 20.48 1.90 19.55
N SER A 688 19.17 1.71 19.51
CA SER A 688 18.61 0.58 18.75
C SER A 688 18.86 0.75 17.25
N GLN A 689 18.74 1.97 16.75
CA GLN A 689 19.01 2.21 15.33
C GLN A 689 20.49 1.97 15.00
N MET A 690 21.40 2.37 15.90
CA MET A 690 22.81 2.07 15.68
C MET A 690 23.06 0.57 15.67
N GLU A 691 22.45 -0.16 16.60
CA GLU A 691 22.63 -1.60 16.64
C GLU A 691 22.09 -2.24 15.37
N ALA A 692 20.92 -1.78 14.91
CA ALA A 692 20.37 -2.30 13.66
C ALA A 692 21.29 -2.02 12.49
N LEU A 693 21.84 -0.80 12.42
CA LEU A 693 22.76 -0.47 11.34
C LEU A 693 23.97 -1.37 11.34
N GLN A 694 24.61 -1.52 12.51
CA GLN A 694 25.83 -2.34 12.57
C GLN A 694 25.53 -3.79 12.26
N PHE A 695 24.39 -4.31 12.74
CA PHE A 695 24.02 -5.68 12.43
C PHE A 695 23.80 -5.88 10.93
N ALA A 696 23.00 -5.00 10.32
CA ALA A 696 22.72 -5.14 8.89
C ALA A 696 23.98 -4.98 8.06
N LEU A 697 24.93 -4.17 8.53
CA LEU A 697 26.17 -3.97 7.78
C LEU A 697 27.16 -5.12 7.96
N THR A 698 27.12 -5.82 9.10
CA THR A 698 28.10 -6.87 9.37
C THR A 698 27.59 -8.28 9.07
N ARG A 699 26.27 -8.45 8.90
CA ARG A 699 25.72 -9.78 8.72
C ARG A 699 25.09 -9.88 7.33
N GLU A 700 25.41 -10.96 6.61
CA GLU A 700 24.97 -11.09 5.23
C GLU A 700 23.46 -11.18 5.13
N LEU A 701 22.82 -11.88 6.06
CA LEU A 701 21.36 -12.00 6.10
C LEU A 701 20.89 -11.52 7.47
N ALA A 702 20.68 -10.23 7.59
CA ALA A 702 20.18 -9.63 8.82
C ALA A 702 18.75 -9.16 8.58
N ILE A 703 17.91 -9.33 9.60
CA ILE A 703 16.49 -9.03 9.51
C ILE A 703 16.18 -7.95 10.52
N ILE A 704 15.58 -6.85 10.05
CA ILE A 704 15.29 -5.69 10.88
C ILE A 704 13.79 -5.66 11.13
N GLN A 705 13.41 -5.82 12.39
CA GLN A 705 12.04 -5.66 12.83
C GLN A 705 11.87 -4.26 13.41
N GLY A 706 10.71 -3.66 13.18
CA GLY A 706 10.43 -2.34 13.71
C GLY A 706 8.95 -2.07 13.88
N PRO A 707 8.57 -1.68 15.10
CA PRO A 707 7.18 -1.31 15.34
C PRO A 707 6.80 -0.07 14.57
N PRO A 708 5.51 0.12 14.28
CA PRO A 708 5.09 1.29 13.49
C PRO A 708 5.50 2.60 14.16
N GLY A 709 5.98 3.53 13.34
CA GLY A 709 6.38 4.85 13.81
C GLY A 709 7.79 4.94 14.34
N THR A 710 8.50 3.83 14.49
CA THR A 710 9.86 3.86 15.02
C THR A 710 10.85 4.53 14.08
N GLY A 711 10.74 4.28 12.77
CA GLY A 711 11.65 4.86 11.81
C GLY A 711 12.59 3.84 11.22
N LYS A 712 12.28 3.39 9.99
CA LYS A 712 13.07 2.38 9.32
C LYS A 712 13.71 2.97 8.07
N THR A 713 13.01 3.93 7.44
CA THR A 713 13.53 4.56 6.23
C THR A 713 14.83 5.30 6.52
N TYR A 714 14.91 5.94 7.68
CA TYR A 714 16.14 6.66 8.04
C TYR A 714 17.31 5.70 8.17
N VAL A 715 17.09 4.55 8.81
CA VAL A 715 18.15 3.55 8.92
C VAL A 715 18.52 3.01 7.54
N GLY A 716 17.53 2.87 6.66
CA GLY A 716 17.83 2.46 5.29
C GLY A 716 18.74 3.44 4.59
N LEU A 717 18.42 4.73 4.68
CA LEU A 717 19.29 5.75 4.10
C LEU A 717 20.68 5.68 4.70
N LYS A 718 20.77 5.48 6.01
CA LYS A 718 22.08 5.43 6.66
C LYS A 718 22.91 4.25 6.17
N ILE A 719 22.30 3.07 6.03
CA ILE A 719 23.06 1.90 5.60
C ILE A 719 23.48 2.04 4.15
N VAL A 720 22.62 2.57 3.29
CA VAL A 720 23.03 2.74 1.91
C VAL A 720 24.12 3.80 1.78
N GLN A 721 24.05 4.86 2.60
CA GLN A 721 25.10 5.86 2.58
C GLN A 721 26.43 5.26 3.01
N ALA A 722 26.42 4.49 4.10
CA ALA A 722 27.66 3.87 4.58
C ALA A 722 28.24 2.94 3.52
N LEU A 723 27.38 2.14 2.88
CA LEU A 723 27.88 1.19 1.89
C LEU A 723 28.43 1.90 0.67
N LEU A 724 27.78 2.98 0.22
CA LEU A 724 28.27 3.67 -0.97
C LEU A 724 29.56 4.41 -0.68
N THR A 725 29.71 4.96 0.53
CA THR A 725 30.93 5.70 0.85
C THR A 725 32.16 4.81 0.78
N ASN A 726 31.99 3.51 1.01
CA ASN A 726 33.11 2.57 1.14
C ASN A 726 33.12 1.56 0.01
N GLU A 727 32.99 2.04 -1.23
CA GLU A 727 32.96 1.15 -2.38
C GLU A 727 34.17 0.21 -2.41
N SER A 728 35.34 0.71 -1.99
CA SER A 728 36.55 -0.09 -2.09
C SER A 728 36.46 -1.38 -1.29
N VAL A 729 35.62 -1.43 -0.26
CA VAL A 729 35.54 -2.62 0.57
C VAL A 729 34.90 -3.78 -0.19
N TRP A 730 33.78 -3.55 -0.85
CA TRP A 730 33.01 -4.64 -1.46
C TRP A 730 33.25 -4.79 -2.95
N GLN A 731 33.45 -3.70 -3.69
CA GLN A 731 33.84 -3.83 -5.09
C GLN A 731 35.24 -4.41 -5.15
N ILE A 732 35.37 -5.58 -5.79
CA ILE A 732 36.64 -6.29 -5.88
C ILE A 732 37.18 -6.15 -7.29
N SER A 733 36.28 -6.27 -8.27
CA SER A 733 36.68 -6.16 -9.67
C SER A 733 36.56 -4.71 -10.15
N LEU A 734 37.18 -4.45 -11.30
CA LEU A 734 37.02 -3.14 -11.93
C LEU A 734 35.58 -2.90 -12.32
N GLN A 735 34.88 -3.94 -12.78
CA GLN A 735 33.48 -3.80 -13.15
C GLN A 735 32.65 -3.44 -11.93
N LYS A 736 31.75 -2.48 -12.10
CA LYS A 736 30.94 -1.97 -11.01
C LYS A 736 29.70 -2.84 -10.83
N PHE A 737 29.38 -3.15 -9.58
CA PHE A 737 28.19 -3.90 -9.24
C PHE A 737 27.28 -3.04 -8.38
N PRO A 738 26.25 -2.43 -8.95
CA PRO A 738 25.45 -1.45 -8.20
C PRO A 738 24.63 -2.10 -7.11
N ILE A 739 24.17 -1.25 -6.19
CA ILE A 739 23.18 -1.62 -5.20
C ILE A 739 21.83 -1.79 -5.88
N LEU A 740 21.17 -2.90 -5.61
CA LEU A 740 19.81 -3.13 -6.08
C LEU A 740 18.86 -2.94 -4.90
N VAL A 741 17.88 -2.06 -5.06
CA VAL A 741 16.85 -1.83 -4.06
C VAL A 741 15.51 -2.14 -4.69
N VAL A 742 14.77 -3.06 -4.08
CA VAL A 742 13.48 -3.53 -4.61
C VAL A 742 12.45 -3.39 -3.50
N CYS A 743 11.28 -2.86 -3.85
CA CYS A 743 10.17 -2.74 -2.93
C CYS A 743 8.95 -3.40 -3.55
N TYR A 744 7.78 -3.22 -2.91
CA TYR A 744 6.56 -3.77 -3.48
C TYR A 744 5.68 -2.68 -4.08
N THR A 745 5.68 -1.50 -3.48
CA THR A 745 4.87 -0.39 -3.95
C THR A 745 5.77 0.70 -4.50
N ASN A 746 5.31 1.35 -5.57
CA ASN A 746 6.09 2.43 -6.17
C ASN A 746 6.35 3.54 -5.18
N HIS A 747 5.31 3.97 -4.45
CA HIS A 747 5.42 5.17 -3.62
C HIS A 747 6.47 4.99 -2.52
N ALA A 748 6.55 3.79 -1.94
CA ALA A 748 7.60 3.53 -0.95
C ALA A 748 8.97 3.68 -1.59
N LEU A 749 9.13 3.18 -2.81
CA LEU A 749 10.41 3.29 -3.51
C LEU A 749 10.74 4.76 -3.79
N ASP A 750 9.75 5.54 -4.19
CA ASP A 750 10.00 6.96 -4.46
C ASP A 750 10.40 7.71 -3.21
N GLN A 751 9.73 7.45 -2.09
CA GLN A 751 10.13 8.12 -0.86
C GLN A 751 11.51 7.67 -0.41
N PHE A 752 11.84 6.39 -0.61
CA PHE A 752 13.17 5.92 -0.24
C PHE A 752 14.25 6.57 -1.10
N LEU A 753 13.99 6.75 -2.40
CA LEU A 753 14.98 7.39 -3.26
C LEU A 753 15.06 8.89 -3.02
N GLU A 754 13.95 9.51 -2.61
CA GLU A 754 14.03 10.90 -2.18
C GLU A 754 14.89 11.02 -0.94
N GLY A 755 14.77 10.04 -0.03
CA GLY A 755 15.57 10.08 1.17
C GLY A 755 17.07 9.99 0.91
N ILE A 756 17.47 9.06 0.04
CA ILE A 756 18.90 8.93 -0.26
C ILE A 756 19.38 10.14 -1.03
N TYR A 757 18.48 10.82 -1.74
CA TYR A 757 18.89 12.02 -2.46
C TYR A 757 19.35 13.13 -1.52
N ASN A 758 19.05 13.02 -0.22
CA ASN A 758 19.59 13.97 0.73
C ASN A 758 21.10 13.82 0.87
N CYS A 759 21.63 12.60 0.72
CA CYS A 759 23.05 12.34 0.87
C CYS A 759 23.78 12.00 -0.42
N GLN A 760 23.06 11.55 -1.45
CA GLN A 760 23.65 11.20 -2.74
C GLN A 760 22.85 11.91 -3.83
N LYS A 761 23.53 12.64 -4.70
CA LYS A 761 22.86 13.48 -5.68
C LYS A 761 23.16 13.09 -7.12
N THR A 762 23.53 11.83 -7.36
CA THR A 762 23.86 11.39 -8.72
C THR A 762 23.78 9.86 -8.77
N SER A 763 23.84 9.34 -10.00
CA SER A 763 23.94 7.91 -10.26
C SER A 763 22.80 7.12 -9.63
N ILE A 764 21.62 7.70 -9.58
CA ILE A 764 20.41 7.01 -9.12
C ILE A 764 19.53 6.73 -10.33
N VAL A 765 19.21 5.47 -10.54
CA VAL A 765 18.45 5.03 -11.71
C VAL A 765 17.24 4.26 -11.22
N ARG A 766 16.08 4.54 -11.83
CA ARG A 766 14.81 3.95 -11.42
C ARG A 766 14.13 3.40 -12.66
N VAL A 767 13.53 2.22 -12.53
CA VAL A 767 12.84 1.58 -13.64
C VAL A 767 11.36 1.47 -13.31
N GLY A 768 10.52 1.54 -14.34
CA GLY A 768 9.09 1.58 -14.14
C GLY A 768 8.55 2.99 -14.34
N GLY A 769 7.53 3.13 -15.18
CA GLY A 769 7.02 4.44 -15.54
C GLY A 769 5.88 4.97 -14.72
N ARG A 770 5.48 4.26 -13.66
CA ARG A 770 4.37 4.68 -12.82
C ARG A 770 4.82 5.53 -11.64
N SER A 771 5.95 6.22 -11.76
CA SER A 771 6.43 7.07 -10.69
C SER A 771 5.74 8.43 -10.71
N ASN A 772 5.23 8.85 -9.56
CA ASN A 772 4.61 10.17 -9.42
C ASN A 772 5.55 11.20 -8.85
N SER A 773 6.81 10.84 -8.59
CA SER A 773 7.75 11.75 -7.95
C SER A 773 8.50 12.54 -9.00
N GLU A 774 8.36 13.87 -8.98
CA GLU A 774 8.98 14.70 -10.00
C GLU A 774 10.50 14.72 -9.86
N ILE A 775 11.00 14.67 -8.62
CA ILE A 775 12.43 14.69 -8.40
C ILE A 775 13.09 13.47 -9.03
N LEU A 776 12.43 12.32 -8.97
CA LEU A 776 12.95 11.10 -9.58
C LEU A 776 12.56 10.97 -11.05
N LYS A 777 11.79 11.91 -11.60
CA LYS A 777 11.42 11.83 -13.01
C LYS A 777 12.63 11.96 -13.92
N GLN A 778 13.55 12.86 -13.58
CA GLN A 778 14.73 13.05 -14.42
C GLN A 778 15.59 11.81 -14.50
N PHE A 779 15.47 10.89 -13.55
CA PHE A 779 16.28 9.68 -13.52
C PHE A 779 15.54 8.45 -14.06
N THR A 780 14.37 8.63 -14.65
CA THR A 780 13.68 7.50 -15.25
C THR A 780 14.47 6.98 -16.44
N LEU A 781 14.29 5.70 -16.74
CA LEU A 781 15.07 5.05 -17.80
C LEU A 781 14.89 5.76 -19.14
N ARG A 782 13.67 6.20 -19.44
CA ARG A 782 13.42 6.88 -20.71
C ARG A 782 14.24 8.15 -20.83
N GLU A 783 14.30 8.93 -19.75
CA GLU A 783 15.01 10.20 -19.81
C GLU A 783 16.51 10.00 -19.89
N LEU A 784 17.04 8.99 -19.20
CA LEU A 784 18.45 8.66 -19.38
C LEU A 784 18.72 8.20 -20.81
N ARG A 785 17.77 7.46 -21.41
CA ARG A 785 17.88 7.12 -22.82
C ARG A 785 17.92 8.37 -23.68
N ASN A 786 17.24 9.43 -23.23
CA ASN A 786 17.28 10.71 -23.92
C ASN A 786 18.59 11.44 -23.64
N LYS A 787 18.63 12.73 -23.98
CA LYS A 787 19.79 13.62 -23.90
C LYS A 787 20.72 13.39 -25.08
N ARG A 788 21.11 14.48 -25.74
CA ARG A 788 21.95 14.38 -26.94
C ARG A 788 23.30 13.76 -26.62
N GLU A 789 23.81 14.02 -25.41
CA GLU A 789 25.12 13.51 -25.04
C GLU A 789 25.15 11.99 -25.04
N PHE A 790 24.06 11.35 -24.60
CA PHE A 790 24.00 9.90 -24.63
C PHE A 790 23.97 9.38 -26.06
N ARG A 791 23.22 10.05 -26.94
CA ARG A 791 23.21 9.65 -28.34
C ARG A 791 24.55 9.91 -29.01
N ARG A 792 25.37 10.78 -28.41
CA ARG A 792 26.67 11.07 -28.98
C ARG A 792 27.73 10.07 -28.51
N ASN A 793 27.71 9.72 -27.23
CA ASN A 793 28.75 8.87 -26.65
C ASN A 793 28.45 7.39 -26.78
N LEU A 794 27.36 7.01 -27.44
CA LEU A 794 27.03 5.61 -27.62
C LEU A 794 28.10 4.94 -28.50
N PRO A 795 28.39 3.65 -28.28
CA PRO A 795 29.40 2.98 -29.11
C PRO A 795 29.08 3.02 -30.59
N MET A 796 30.12 3.17 -31.42
CA MET A 796 29.93 3.25 -32.87
C MET A 796 29.32 1.96 -33.41
N HIS A 797 29.77 0.80 -32.90
CA HIS A 797 29.22 -0.46 -33.37
C HIS A 797 27.74 -0.58 -33.03
N LEU A 798 27.34 -0.10 -31.86
CA LEU A 798 25.93 -0.10 -31.49
C LEU A 798 25.14 0.83 -32.41
N ARG A 799 25.70 2.00 -32.72
CA ARG A 799 25.02 2.96 -33.58
C ARG A 799 24.83 2.41 -34.99
N ARG A 800 25.84 1.71 -35.52
CA ARG A 800 25.75 1.19 -36.87
C ARG A 800 24.64 0.14 -36.99
N ALA A 801 24.47 -0.68 -35.95
CA ALA A 801 23.38 -1.64 -35.94
C ALA A 801 22.03 -0.94 -35.94
N TYR A 802 21.95 0.21 -35.27
CA TYR A 802 20.73 1.01 -35.20
C TYR A 802 20.29 1.43 -36.60
N MET A 803 21.22 1.96 -37.39
CA MET A 803 20.91 2.33 -38.77
C MET A 803 20.60 1.10 -39.61
N SER A 804 21.35 0.02 -39.41
CA SER A 804 21.14 -1.21 -40.17
C SER A 804 19.83 -1.88 -39.77
N ALA A 1051 14.49 -5.26 -30.78
CA ALA A 1051 14.60 -5.45 -29.34
C ALA A 1051 16.06 -5.50 -28.91
N GLU A 1052 16.96 -5.56 -29.89
CA GLU A 1052 18.39 -5.59 -29.64
C GLU A 1052 18.96 -4.21 -29.36
N LEU A 1053 18.52 -3.19 -30.09
CA LEU A 1053 18.98 -1.82 -29.82
C LEU A 1053 18.39 -1.29 -28.53
N ARG A 1054 17.17 -1.71 -28.19
CA ARG A 1054 16.59 -1.31 -26.91
C ARG A 1054 17.29 -2.01 -25.76
N LEU A 1055 17.95 -3.12 -26.04
CA LEU A 1055 18.85 -3.72 -25.07
C LEU A 1055 20.25 -3.20 -25.33
N GLN A 1056 21.18 -3.45 -24.42
CA GLN A 1056 22.56 -2.98 -24.49
C GLN A 1056 22.60 -1.48 -24.26
N GLU A 1057 21.42 -0.86 -24.22
CA GLU A 1057 21.26 0.52 -23.78
C GLU A 1057 21.15 0.52 -22.27
N ASP A 1058 20.32 -0.39 -21.74
CA ASP A 1058 20.12 -0.49 -20.31
C ASP A 1058 21.43 -0.85 -19.61
N LEU A 1059 22.18 -1.77 -20.19
CA LEU A 1059 23.37 -2.30 -19.51
C LEU A 1059 24.39 -1.21 -19.25
N HIS A 1060 24.64 -0.35 -20.24
CA HIS A 1060 25.66 0.69 -20.05
C HIS A 1060 25.25 1.70 -18.99
N ILE A 1061 23.95 2.02 -18.92
CA ILE A 1061 23.50 2.98 -17.91
C ILE A 1061 23.68 2.40 -16.51
N LEU A 1062 23.27 1.15 -16.32
CA LEU A 1062 23.33 0.58 -14.98
C LEU A 1062 24.77 0.35 -14.53
N LYS A 1063 25.71 0.23 -15.48
CA LYS A 1063 27.11 0.06 -15.11
C LYS A 1063 27.68 1.33 -14.52
N ASP A 1064 27.01 2.46 -14.74
CA ASP A 1064 27.46 3.76 -14.26
C ASP A 1064 26.72 4.23 -13.02
N ALA A 1065 25.89 3.39 -12.42
CA ALA A 1065 25.06 3.80 -11.31
C ALA A 1065 25.57 3.20 -10.00
N GLN A 1066 24.96 3.61 -8.91
CA GLN A 1066 25.24 3.03 -7.61
C GLN A 1066 24.01 2.44 -6.94
N VAL A 1067 22.82 2.98 -7.22
CA VAL A 1067 21.58 2.46 -6.67
C VAL A 1067 20.56 2.32 -7.79
N VAL A 1068 19.76 1.26 -7.72
CA VAL A 1068 18.71 0.98 -8.68
C VAL A 1068 17.45 0.66 -7.89
N GLY A 1069 16.30 1.10 -8.38
CA GLY A 1069 15.03 0.88 -7.71
C GLY A 1069 13.99 0.28 -8.65
N MET A 1070 13.39 -0.81 -8.22
CA MET A 1070 12.30 -1.43 -8.95
C MET A 1070 11.32 -2.05 -7.97
N THR A 1071 10.11 -2.33 -8.46
CA THR A 1071 9.19 -3.15 -7.70
C THR A 1071 9.54 -4.62 -7.90
N THR A 1072 8.97 -5.47 -7.04
CA THR A 1072 9.22 -6.90 -7.15
C THR A 1072 8.76 -7.43 -8.50
N THR A 1073 7.59 -6.98 -8.95
CA THR A 1073 7.12 -7.35 -10.29
C THR A 1073 8.10 -6.89 -11.35
N GLY A 1074 8.63 -5.68 -11.20
CA GLY A 1074 9.64 -5.22 -12.14
C GLY A 1074 10.91 -6.06 -12.10
N ALA A 1075 11.34 -6.44 -10.90
CA ALA A 1075 12.55 -7.24 -10.76
C ALA A 1075 12.37 -8.59 -11.43
N ALA A 1076 11.20 -9.21 -11.26
CA ALA A 1076 10.92 -10.46 -11.95
C ALA A 1076 10.86 -10.26 -13.46
N LYS A 1077 10.26 -9.14 -13.89
CA LYS A 1077 10.14 -8.86 -15.32
C LYS A 1077 11.50 -8.73 -15.97
N TYR A 1078 12.43 -8.03 -15.32
CA TYR A 1078 13.76 -7.79 -15.85
C TYR A 1078 14.81 -8.74 -15.28
N ARG A 1079 14.41 -9.97 -14.93
CA ARG A 1079 15.32 -10.83 -14.19
C ARG A 1079 16.56 -11.18 -15.00
N GLN A 1080 16.44 -11.20 -16.34
CA GLN A 1080 17.59 -11.52 -17.17
C GLN A 1080 18.63 -10.42 -17.10
N ILE A 1081 18.19 -9.16 -17.14
CA ILE A 1081 19.13 -8.04 -17.03
C ILE A 1081 19.84 -8.07 -15.69
N LEU A 1082 19.11 -8.38 -14.62
CA LEU A 1082 19.72 -8.44 -13.30
C LEU A 1082 20.63 -9.65 -13.18
N GLN A 1083 20.33 -10.73 -13.89
CA GLN A 1083 21.28 -11.83 -14.00
C GLN A 1083 22.57 -11.37 -14.66
N LYS A 1084 22.46 -10.54 -15.70
CA LYS A 1084 23.64 -9.96 -16.33
C LYS A 1084 24.43 -9.09 -15.37
N VAL A 1085 23.78 -8.12 -14.74
CA VAL A 1085 24.48 -7.13 -13.91
C VAL A 1085 25.07 -7.79 -12.68
N GLU A 1086 24.40 -8.78 -12.10
CA GLU A 1086 24.83 -9.44 -10.88
C GLU A 1086 25.01 -8.44 -9.74
N PRO A 1087 23.94 -7.79 -9.30
CA PRO A 1087 24.04 -6.93 -8.12
C PRO A 1087 24.44 -7.74 -6.89
N ARG A 1088 25.31 -7.17 -6.06
CA ARG A 1088 25.77 -7.87 -4.87
C ARG A 1088 25.01 -7.44 -3.64
N ILE A 1089 24.35 -6.29 -3.70
CA ILE A 1089 23.64 -5.71 -2.56
C ILE A 1089 22.16 -5.67 -2.90
N VAL A 1090 21.35 -6.39 -2.14
CA VAL A 1090 19.91 -6.45 -2.38
C VAL A 1090 19.20 -6.00 -1.12
N ILE A 1091 18.35 -4.98 -1.24
CA ILE A 1091 17.60 -4.43 -0.12
C ILE A 1091 16.12 -4.44 -0.49
N VAL A 1092 15.31 -5.08 0.35
CA VAL A 1092 13.89 -5.22 0.12
C VAL A 1092 13.16 -4.52 1.25
N GLU A 1093 12.63 -3.33 0.99
CA GLU A 1093 11.84 -2.62 1.96
C GLU A 1093 10.46 -3.26 2.12
N GLU A 1094 9.92 -3.18 3.34
CA GLU A 1094 8.62 -3.77 3.65
C GLU A 1094 8.59 -5.25 3.31
N ALA A 1095 9.56 -6.00 3.85
CA ALA A 1095 9.68 -7.42 3.55
C ALA A 1095 8.47 -8.22 4.02
N ALA A 1096 7.75 -7.75 5.03
CA ALA A 1096 6.58 -8.46 5.49
C ALA A 1096 5.42 -8.40 4.50
N GLU A 1097 5.50 -7.51 3.51
CA GLU A 1097 4.43 -7.38 2.53
C GLU A 1097 4.78 -7.94 1.16
N VAL A 1098 5.77 -8.82 1.08
CA VAL A 1098 6.12 -9.46 -0.19
C VAL A 1098 6.03 -10.98 -0.03
N LEU A 1099 5.41 -11.63 -1.00
CA LEU A 1099 5.33 -13.08 -0.98
C LEU A 1099 6.73 -13.68 -1.07
N GLU A 1100 6.92 -14.81 -0.38
CA GLU A 1100 8.19 -15.50 -0.48
C GLU A 1100 8.50 -15.89 -1.91
N ALA A 1101 7.48 -16.30 -2.67
CA ALA A 1101 7.68 -16.64 -4.07
C ALA A 1101 8.20 -15.45 -4.85
N HIS A 1102 7.76 -14.24 -4.49
CA HIS A 1102 8.32 -13.05 -5.12
C HIS A 1102 9.79 -12.89 -4.79
N THR A 1103 10.18 -13.16 -3.55
CA THR A 1103 11.57 -12.94 -3.16
C THR A 1103 12.50 -13.98 -3.77
N ILE A 1104 11.96 -15.14 -4.14
CA ILE A 1104 12.78 -16.14 -4.81
C ILE A 1104 13.15 -15.68 -6.21
N ALA A 1105 12.23 -14.97 -6.87
CA ALA A 1105 12.47 -14.52 -8.23
C ALA A 1105 13.52 -13.42 -8.31
N THR A 1106 13.69 -12.61 -7.26
CA THR A 1106 14.66 -11.53 -7.33
C THR A 1106 16.07 -11.97 -6.93
N LEU A 1107 16.18 -12.95 -6.05
CA LEU A 1107 17.49 -13.46 -5.67
C LEU A 1107 18.18 -14.12 -6.86
N SER A 1108 19.45 -13.80 -7.04
CA SER A 1108 20.26 -14.39 -8.10
C SER A 1108 21.44 -15.14 -7.48
N LYS A 1109 22.25 -15.74 -8.35
CA LYS A 1109 23.38 -16.54 -7.87
C LYS A 1109 24.45 -15.67 -7.22
N ALA A 1110 24.59 -14.43 -7.67
CA ALA A 1110 25.67 -13.57 -7.19
C ALA A 1110 25.33 -12.82 -5.92
N CYS A 1111 24.12 -13.00 -5.37
CA CYS A 1111 23.71 -12.28 -4.18
C CYS A 1111 24.60 -12.66 -3.00
N GLN A 1112 25.44 -11.73 -2.57
CA GLN A 1112 26.29 -11.94 -1.40
C GLN A 1112 25.79 -11.19 -0.18
N HIS A 1113 24.74 -10.39 -0.29
CA HIS A 1113 24.25 -9.59 0.82
C HIS A 1113 22.79 -9.28 0.59
N LEU A 1114 21.92 -9.79 1.47
CA LEU A 1114 20.49 -9.54 1.41
C LEU A 1114 20.04 -9.01 2.76
N ILE A 1115 19.33 -7.89 2.74
CA ILE A 1115 18.86 -7.26 3.97
C ILE A 1115 17.35 -7.10 3.86
N LEU A 1116 16.65 -7.33 4.97
CA LEU A 1116 15.19 -7.29 5.00
C LEU A 1116 14.76 -6.35 6.12
N ILE A 1117 13.92 -5.37 5.77
CA ILE A 1117 13.33 -4.48 6.76
C ILE A 1117 11.81 -4.55 6.62
N GLY A 1118 11.12 -4.65 7.74
CA GLY A 1118 9.68 -4.79 7.71
C GLY A 1118 9.14 -5.12 9.09
N ASP A 1119 7.87 -5.49 9.13
CA ASP A 1119 7.19 -5.82 10.37
C ASP A 1119 6.16 -6.92 10.12
N HIS A 1120 6.45 -8.12 10.61
CA HIS A 1120 5.48 -9.21 10.48
C HIS A 1120 4.27 -9.02 11.38
N GLN A 1121 4.38 -8.25 12.46
CA GLN A 1121 3.24 -7.97 13.31
C GLN A 1121 2.14 -7.20 12.60
N GLN A 1122 2.47 -6.44 11.56
CA GLN A 1122 1.47 -5.75 10.78
C GLN A 1122 0.93 -6.70 9.70
N LEU A 1123 0.20 -6.16 8.73
CA LEU A 1123 -0.40 -6.99 7.69
C LEU A 1123 0.66 -7.71 6.88
N ARG A 1124 0.19 -8.69 6.10
CA ARG A 1124 1.03 -9.55 5.27
C ARG A 1124 0.31 -9.75 3.94
N PRO A 1125 1.01 -10.18 2.88
CA PRO A 1125 0.39 -10.21 1.55
C PRO A 1125 -0.84 -11.11 1.52
N SER A 1126 -1.77 -10.76 0.64
CA SER A 1126 -3.09 -11.38 0.60
C SER A 1126 -3.13 -12.44 -0.50
N ALA A 1127 -3.77 -13.56 -0.20
CA ALA A 1127 -4.00 -14.60 -1.19
C ALA A 1127 -5.40 -14.50 -1.76
N ASN A 1128 -5.54 -14.84 -3.04
CA ASN A 1128 -6.83 -14.72 -3.70
C ASN A 1128 -7.84 -15.74 -3.18
N VAL A 1129 -7.36 -16.86 -2.65
CA VAL A 1129 -8.21 -17.91 -2.12
C VAL A 1129 -7.90 -18.07 -0.64
N TYR A 1130 -8.95 -18.29 0.17
CA TYR A 1130 -8.77 -18.35 1.61
C TYR A 1130 -8.20 -19.68 2.07
N ASP A 1131 -8.48 -20.76 1.34
CA ASP A 1131 -8.06 -22.08 1.79
C ASP A 1131 -6.54 -22.19 1.79
N LEU A 1132 -5.90 -21.78 0.68
CA LEU A 1132 -4.43 -21.75 0.67
C LEU A 1132 -3.91 -20.77 1.71
N ALA A 1133 -4.66 -19.69 1.96
CA ALA A 1133 -4.22 -18.70 2.93
C ALA A 1133 -4.16 -19.29 4.33
N LYS A 1134 -5.13 -20.13 4.69
CA LYS A 1134 -5.25 -20.61 6.05
C LYS A 1134 -4.63 -21.98 6.26
N ASN A 1135 -5.07 -22.98 5.50
CA ASN A 1135 -4.58 -24.35 5.67
C ASN A 1135 -3.27 -24.62 4.95
N PHE A 1136 -2.81 -23.70 4.10
CA PHE A 1136 -1.58 -23.89 3.36
C PHE A 1136 -0.53 -22.84 3.67
N ASN A 1137 -0.85 -21.83 4.47
CA ASN A 1137 0.12 -20.85 4.96
C ASN A 1137 0.74 -20.03 3.83
N LEU A 1138 -0.04 -19.76 2.78
CA LEU A 1138 0.48 -18.98 1.66
C LEU A 1138 0.82 -17.55 2.07
N GLU A 1139 0.07 -16.98 3.01
CA GLU A 1139 0.31 -15.60 3.41
C GLU A 1139 1.59 -15.42 4.21
N VAL A 1140 2.24 -16.50 4.62
CA VAL A 1140 3.46 -16.39 5.41
C VAL A 1140 4.56 -15.79 4.53
N SER A 1141 4.94 -14.56 4.84
CA SER A 1141 6.00 -13.89 4.11
C SER A 1141 7.34 -14.55 4.41
N LEU A 1142 8.33 -14.27 3.56
CA LEU A 1142 9.68 -14.75 3.81
C LEU A 1142 10.19 -14.22 5.14
N PHE A 1143 9.95 -12.92 5.39
CA PHE A 1143 10.31 -12.31 6.66
C PHE A 1143 9.72 -13.10 7.82
N GLU A 1144 8.41 -13.36 7.77
CA GLU A 1144 7.74 -14.04 8.87
C GLU A 1144 8.25 -15.45 9.04
N ARG A 1145 8.51 -16.15 7.92
CA ARG A 1145 8.98 -17.53 8.02
C ARG A 1145 10.36 -17.59 8.67
N LEU A 1146 11.27 -16.70 8.26
CA LEU A 1146 12.58 -16.69 8.89
C LEU A 1146 12.48 -16.30 10.36
N VAL A 1147 11.57 -15.40 10.70
CA VAL A 1147 11.37 -15.08 12.12
C VAL A 1147 10.91 -16.31 12.88
N LYS A 1148 9.98 -17.07 12.30
CA LYS A 1148 9.37 -18.19 13.01
C LYS A 1148 10.32 -19.38 13.11
N VAL A 1149 11.27 -19.51 12.19
CA VAL A 1149 12.20 -20.62 12.22
C VAL A 1149 13.42 -20.21 13.03
N ASN A 1150 13.29 -19.10 13.77
CA ASN A 1150 14.27 -18.67 14.75
C ASN A 1150 15.61 -18.30 14.12
N ILE A 1151 15.58 -17.77 12.90
CA ILE A 1151 16.78 -17.09 12.39
C ILE A 1151 16.97 -15.78 13.14
N PRO A 1152 18.17 -15.50 13.65
CA PRO A 1152 18.34 -14.31 14.49
C PRO A 1152 17.96 -13.03 13.74
N PHE A 1153 17.36 -12.11 14.50
CA PHE A 1153 16.90 -10.84 13.97
C PHE A 1153 17.09 -9.78 15.04
N VAL A 1154 17.10 -8.52 14.62
CA VAL A 1154 17.22 -7.38 15.52
C VAL A 1154 15.88 -6.66 15.59
N ARG A 1155 15.50 -6.23 16.79
CA ARG A 1155 14.23 -5.56 17.02
C ARG A 1155 14.47 -4.10 17.35
N LEU A 1156 14.01 -3.22 16.46
CA LEU A 1156 14.06 -1.79 16.69
C LEU A 1156 13.19 -1.45 17.88
N ASN A 1157 13.67 -0.52 18.72
CA ASN A 1157 12.93 -0.11 19.90
C ASN A 1157 12.69 1.39 19.80
N TYR A 1158 12.05 1.95 20.83
CA TYR A 1158 11.70 3.36 20.90
C TYR A 1158 10.71 3.76 19.81
N GLN A 1159 9.58 4.33 20.20
CA GLN A 1159 8.58 4.80 19.25
C GLN A 1159 8.55 6.31 19.25
N HIS A 1160 8.35 6.89 18.06
CA HIS A 1160 8.43 8.32 17.87
C HIS A 1160 7.08 8.94 17.50
N ARG A 1161 6.09 8.13 17.15
CA ARG A 1161 4.84 8.64 16.58
C ARG A 1161 3.77 8.90 17.63
N MET A 1162 3.33 7.88 18.35
CA MET A 1162 2.13 7.97 19.14
C MET A 1162 2.40 8.49 20.55
N CYS A 1163 1.41 9.21 21.10
CA CYS A 1163 1.48 9.71 22.46
C CYS A 1163 1.38 8.54 23.46
N PRO A 1164 1.80 8.76 24.70
CA PRO A 1164 1.81 7.65 25.67
C PRO A 1164 0.45 7.00 25.90
N GLU A 1165 -0.64 7.78 25.88
CA GLU A 1165 -1.96 7.19 26.10
C GLU A 1165 -2.31 6.19 25.00
N ILE A 1166 -2.02 6.53 23.75
CA ILE A 1166 -2.22 5.58 22.66
C ILE A 1166 -1.24 4.42 22.79
N ALA A 1167 0.01 4.70 23.15
CA ALA A 1167 1.04 3.67 23.21
C ALA A 1167 0.71 2.60 24.23
N ARG A 1168 -0.05 2.94 25.27
CA ARG A 1168 -0.41 1.95 26.28
C ARG A 1168 -1.36 0.89 25.74
N LEU A 1169 -1.99 1.15 24.60
CA LEU A 1169 -2.87 0.14 24.00
C LEU A 1169 -2.06 -0.97 23.33
N LEU A 1170 -0.87 -0.65 22.84
CA LEU A 1170 -0.02 -1.64 22.18
C LEU A 1170 0.86 -2.39 23.17
N THR A 1171 1.10 -1.80 24.35
CA THR A 1171 1.99 -2.38 25.34
C THR A 1171 1.21 -2.74 26.59
N PRO A 1172 1.34 -3.95 27.11
CA PRO A 1172 2.13 -5.07 26.60
C PRO A 1172 1.26 -6.07 25.83
N HIS A 1173 0.08 -5.65 25.37
CA HIS A 1173 -0.84 -6.61 24.78
C HIS A 1173 -0.39 -7.10 23.42
N ILE A 1174 0.39 -6.29 22.70
CA ILE A 1174 0.90 -6.67 21.38
C ILE A 1174 2.42 -6.75 21.38
N TYR A 1175 3.08 -5.69 21.83
CA TYR A 1175 4.54 -5.65 21.92
C TYR A 1175 4.92 -5.70 23.39
N GLN A 1176 5.74 -6.67 23.77
CA GLN A 1176 6.15 -6.79 25.17
C GLN A 1176 6.98 -5.60 25.62
N ASP A 1177 7.90 -5.13 24.79
CA ASP A 1177 8.81 -4.06 25.15
C ASP A 1177 8.79 -3.00 24.05
N LEU A 1178 8.21 -1.85 24.35
CA LEU A 1178 8.20 -0.71 23.43
C LEU A 1178 8.18 0.57 24.24
N GLU A 1179 9.29 1.30 24.22
CA GLU A 1179 9.42 2.53 25.00
C GLU A 1179 9.06 3.72 24.13
N ASN A 1180 8.77 4.84 24.79
CA ASN A 1180 8.38 6.06 24.10
C ASN A 1180 9.60 6.97 23.98
N HIS A 1181 9.85 7.46 22.77
CA HIS A 1181 10.86 8.48 22.59
C HIS A 1181 10.43 9.75 23.32
N PRO A 1182 11.36 10.45 23.99
CA PRO A 1182 10.96 11.59 24.82
C PRO A 1182 10.24 12.70 24.07
N SER A 1183 10.38 12.75 22.74
CA SER A 1183 9.69 13.78 21.98
C SER A 1183 8.17 13.63 22.07
N VAL A 1184 7.68 12.42 22.32
CA VAL A 1184 6.23 12.21 22.31
C VAL A 1184 5.56 12.76 23.55
N LEU A 1185 6.27 12.93 24.66
CA LEU A 1185 5.68 13.46 25.88
C LEU A 1185 5.27 14.92 25.74
N LYS A 1186 5.74 15.60 24.69
CA LYS A 1186 5.46 17.00 24.47
C LYS A 1186 4.09 17.23 23.84
N TYR A 1187 3.45 16.19 23.31
CA TYR A 1187 2.22 16.36 22.56
C TYR A 1187 1.15 17.05 23.40
N GLU A 1188 0.53 18.07 22.80
CA GLU A 1188 -0.47 18.86 23.48
C GLU A 1188 -1.83 18.16 23.45
N LYS A 1189 -2.70 18.55 24.37
CA LYS A 1189 -4.05 18.03 24.37
C LYS A 1189 -4.84 18.61 23.21
N ILE A 1190 -5.69 17.77 22.61
CA ILE A 1190 -6.61 18.26 21.59
C ILE A 1190 -7.64 19.16 22.26
N LYS A 1191 -7.99 20.25 21.61
CA LYS A 1191 -8.90 21.22 22.21
C LYS A 1191 -10.35 20.81 22.02
N GLY A 1192 -11.18 21.21 22.97
CA GLY A 1192 -12.61 20.98 22.90
C GLY A 1192 -13.09 19.64 23.42
N VAL A 1193 -12.21 18.81 23.99
CA VAL A 1193 -12.60 17.52 24.52
C VAL A 1193 -11.71 17.17 25.71
N SER A 1194 -12.33 16.63 26.75
CA SER A 1194 -11.61 16.30 27.98
C SER A 1194 -10.60 15.18 27.80
N SER A 1195 -10.71 14.40 26.73
CA SER A 1195 -9.85 13.23 26.57
C SER A 1195 -9.25 13.21 25.16
N ASN A 1196 -7.96 12.90 25.09
CA ASN A 1196 -7.28 12.75 23.81
C ASN A 1196 -7.46 11.36 23.24
N LEU A 1197 -8.03 10.44 23.99
CA LEU A 1197 -8.31 9.07 23.55
C LEU A 1197 -9.61 8.61 24.19
N PHE A 1198 -10.61 8.35 23.36
CA PHE A 1198 -11.89 7.89 23.90
C PHE A 1198 -12.54 6.90 22.94
N PHE A 1199 -13.18 5.88 23.51
CA PHE A 1199 -13.92 4.88 22.77
C PHE A 1199 -15.40 5.04 23.09
N VAL A 1200 -16.22 5.18 22.06
CA VAL A 1200 -17.67 5.27 22.24
C VAL A 1200 -18.25 3.87 22.07
N GLU A 1201 -18.92 3.38 23.10
CA GLU A 1201 -19.57 2.08 23.05
C GLU A 1201 -21.05 2.25 22.76
N HIS A 1202 -21.60 1.37 21.93
CA HIS A 1202 -23.01 1.43 21.57
C HIS A 1202 -23.45 0.07 21.08
N ASN A 1203 -24.76 -0.09 20.90
CA ASN A 1203 -25.35 -1.38 20.56
C ASN A 1203 -26.28 -1.32 19.35
N PHE A 1204 -26.10 -0.35 18.47
CA PHE A 1204 -26.94 -0.28 17.28
C PHE A 1204 -26.53 -1.38 16.30
N PRO A 1205 -27.45 -2.22 15.86
CA PRO A 1205 -27.08 -3.31 14.94
C PRO A 1205 -26.65 -2.79 13.59
N GLU A 1206 -25.78 -3.56 12.94
CA GLU A 1206 -25.30 -3.23 11.62
C GLU A 1206 -26.37 -3.54 10.56
N GLN A 1207 -26.16 -2.99 9.37
CA GLN A 1207 -27.04 -3.23 8.23
C GLN A 1207 -26.26 -3.92 7.12
N GLU A 1208 -26.75 -5.06 6.66
CA GLU A 1208 -26.11 -5.76 5.56
C GLU A 1208 -26.37 -5.05 4.24
N ILE A 1209 -25.46 -5.25 3.30
CA ILE A 1209 -25.60 -4.75 1.93
C ILE A 1209 -25.93 -5.92 1.02
N GLN A 1210 -26.77 -5.66 0.01
CA GLN A 1210 -27.13 -6.73 -0.92
C GLN A 1210 -25.93 -7.23 -1.70
N GLU A 1211 -25.08 -6.32 -2.16
CA GLU A 1211 -23.91 -6.68 -2.95
C GLU A 1211 -22.68 -6.74 -2.05
N GLY A 1212 -21.87 -7.78 -2.24
CA GLY A 1212 -20.64 -7.89 -1.49
C GLY A 1212 -20.82 -8.48 -0.10
N LYS A 1213 -19.70 -8.65 0.59
CA LYS A 1213 -19.68 -9.21 1.94
C LYS A 1213 -19.30 -8.16 2.98
N SER A 1214 -19.38 -6.88 2.64
CA SER A 1214 -19.02 -5.82 3.55
C SER A 1214 -20.20 -5.45 4.45
N HIS A 1215 -19.95 -4.56 5.39
CA HIS A 1215 -20.96 -4.15 6.36
C HIS A 1215 -20.78 -2.67 6.68
N GLN A 1216 -21.90 -2.04 7.07
CA GLN A 1216 -21.91 -0.60 7.32
C GLN A 1216 -22.80 -0.27 8.50
N ASN A 1217 -22.49 0.84 9.17
CA ASN A 1217 -23.22 1.30 10.34
C ASN A 1217 -23.61 2.76 10.13
N GLN A 1218 -24.92 3.03 10.14
CA GLN A 1218 -25.37 4.40 9.92
C GLN A 1218 -25.15 5.27 11.15
N HIS A 1219 -25.39 4.73 12.35
CA HIS A 1219 -25.17 5.50 13.58
C HIS A 1219 -23.73 5.93 13.70
N GLU A 1220 -22.80 4.99 13.51
CA GLU A 1220 -21.38 5.30 13.61
C GLU A 1220 -20.98 6.29 12.52
N ALA A 1221 -21.48 6.11 11.30
CA ALA A 1221 -21.14 7.02 10.22
C ALA A 1221 -21.58 8.44 10.55
N HIS A 1222 -22.83 8.61 11.00
CA HIS A 1222 -23.33 9.93 11.34
C HIS A 1222 -22.53 10.54 12.48
N PHE A 1223 -22.29 9.78 13.54
CA PHE A 1223 -21.56 10.30 14.69
C PHE A 1223 -20.15 10.73 14.30
N VAL A 1224 -19.46 9.89 13.52
CA VAL A 1224 -18.08 10.18 13.15
C VAL A 1224 -18.03 11.39 12.24
N VAL A 1225 -18.94 11.48 11.27
CA VAL A 1225 -18.90 12.63 10.36
C VAL A 1225 -19.23 13.91 11.10
N GLU A 1226 -20.13 13.84 12.10
CA GLU A 1226 -20.44 15.05 12.86
C GLU A 1226 -19.28 15.47 13.75
N LEU A 1227 -18.59 14.50 14.36
CA LEU A 1227 -17.38 14.84 15.11
C LEU A 1227 -16.32 15.41 14.19
N CYS A 1228 -16.25 14.90 12.97
CA CYS A 1228 -15.34 15.43 11.97
C CYS A 1228 -15.64 16.90 11.70
N LYS A 1229 -16.92 17.23 11.51
CA LYS A 1229 -17.32 18.62 11.32
C LYS A 1229 -16.97 19.46 12.54
N TYR A 1230 -17.22 18.92 13.74
CA TYR A 1230 -16.93 19.67 14.96
C TYR A 1230 -15.46 20.02 15.06
N PHE A 1231 -14.59 19.07 14.70
CA PHE A 1231 -13.15 19.31 14.83
C PHE A 1231 -12.65 20.36 13.85
N LEU A 1232 -13.29 20.49 12.69
CA LEU A 1232 -12.93 21.57 11.78
C LEU A 1232 -13.19 22.93 12.42
N CYS A 1233 -14.27 23.03 13.21
CA CYS A 1233 -14.58 24.28 13.88
C CYS A 1233 -13.52 24.65 14.91
N GLN A 1234 -12.67 23.71 15.30
CA GLN A 1234 -11.59 23.97 16.25
C GLN A 1234 -10.31 24.44 15.57
N GLU A 1235 -10.39 24.96 14.35
CA GLU A 1235 -9.24 25.47 13.59
C GLU A 1235 -8.25 24.38 13.21
N TYR A 1236 -8.59 23.11 13.39
CA TYR A 1236 -7.71 22.05 12.91
C TYR A 1236 -7.91 21.88 11.41
N LEU A 1237 -6.83 21.98 10.66
CA LEU A 1237 -6.94 21.94 9.20
C LEU A 1237 -7.34 20.55 8.75
N PRO A 1238 -8.05 20.43 7.63
CA PRO A 1238 -8.50 19.10 7.18
C PRO A 1238 -7.38 18.13 6.92
N SER A 1239 -6.20 18.60 6.51
CA SER A 1239 -5.10 17.70 6.21
C SER A 1239 -4.62 16.95 7.45
N GLN A 1240 -4.84 17.50 8.65
CA GLN A 1240 -4.44 16.82 9.88
C GLN A 1240 -5.49 15.81 10.35
N ILE A 1241 -6.62 15.70 9.66
CA ILE A 1241 -7.71 14.82 10.06
C ILE A 1241 -7.95 13.81 8.93
N THR A 1242 -8.20 12.56 9.31
CA THR A 1242 -8.43 11.49 8.37
C THR A 1242 -9.34 10.45 9.01
N ILE A 1243 -10.29 9.93 8.25
CA ILE A 1243 -11.24 8.96 8.78
C ILE A 1243 -10.84 7.57 8.28
N LEU A 1244 -10.71 6.63 9.21
CA LEU A 1244 -10.38 5.24 8.90
C LEU A 1244 -11.53 4.33 9.25
N THR A 1245 -11.82 3.38 8.35
CA THR A 1245 -12.86 2.40 8.55
C THR A 1245 -12.31 1.04 8.14
N THR A 1246 -12.90 -0.03 8.69
CA THR A 1246 -12.34 -1.35 8.46
C THR A 1246 -12.95 -2.06 7.26
N TYR A 1247 -14.13 -1.64 6.79
CA TYR A 1247 -14.82 -2.30 5.70
C TYR A 1247 -15.10 -1.32 4.56
N THR A 1248 -15.22 -1.85 3.35
CA THR A 1248 -15.42 -0.99 2.18
C THR A 1248 -16.83 -0.43 2.12
N GLY A 1249 -17.84 -1.20 2.53
CA GLY A 1249 -19.20 -0.70 2.51
C GLY A 1249 -19.38 0.52 3.40
N GLN A 1250 -18.76 0.50 4.58
CA GLN A 1250 -18.79 1.67 5.45
C GLN A 1250 -18.08 2.85 4.80
N LEU A 1251 -16.99 2.60 4.06
CA LEU A 1251 -16.33 3.67 3.34
C LEU A 1251 -17.26 4.30 2.32
N PHE A 1252 -17.99 3.46 1.57
CA PHE A 1252 -18.98 4.00 0.64
C PHE A 1252 -20.08 4.74 1.37
N CYS A 1253 -20.40 4.34 2.60
CA CYS A 1253 -21.41 5.04 3.37
C CYS A 1253 -20.93 6.42 3.79
N LEU A 1254 -19.65 6.52 4.19
CA LEU A 1254 -19.11 7.80 4.66
C LEU A 1254 -19.11 8.82 3.53
N ARG A 1255 -18.70 8.42 2.33
CA ARG A 1255 -18.66 9.38 1.23
C ARG A 1255 -20.05 9.88 0.89
N LYS A 1256 -21.08 9.08 1.16
CA LYS A 1256 -22.45 9.56 1.03
C LYS A 1256 -22.75 10.68 2.02
N LEU A 1257 -22.28 10.54 3.26
CA LEU A 1257 -22.34 11.59 4.27
C LEU A 1257 -21.25 12.64 4.09
N MET A 1258 -20.65 12.72 2.92
CA MET A 1258 -19.45 13.50 2.64
C MET A 1258 -19.65 14.48 1.49
N PRO A 1259 -20.30 15.62 1.73
CA PRO A 1259 -20.31 16.68 0.71
C PRO A 1259 -18.98 17.40 0.67
N ALA A 1260 -18.40 17.51 -0.53
CA ALA A 1260 -17.04 18.01 -0.64
C ALA A 1260 -16.94 19.48 -0.21
N LYS A 1261 -18.07 20.18 -0.17
CA LYS A 1261 -18.05 21.60 0.18
C LYS A 1261 -17.54 21.82 1.60
N THR A 1262 -17.99 21.03 2.57
CA THR A 1262 -17.72 21.29 3.97
C THR A 1262 -16.48 20.59 4.51
N PHE A 1263 -16.12 19.43 3.97
CA PHE A 1263 -14.94 18.71 4.44
C PHE A 1263 -13.98 18.37 3.32
N ALA A 1264 -13.71 19.31 2.42
CA ALA A 1264 -12.71 19.09 1.39
C ALA A 1264 -11.33 18.92 2.01
N GLY A 1265 -10.55 17.98 1.48
CA GLY A 1265 -9.26 17.67 2.01
C GLY A 1265 -9.23 16.59 3.06
N VAL A 1266 -10.40 16.09 3.48
CA VAL A 1266 -10.46 15.01 4.46
C VAL A 1266 -10.41 13.68 3.72
N ARG A 1267 -9.37 12.91 3.95
CA ARG A 1267 -9.20 11.62 3.30
C ARG A 1267 -10.01 10.55 4.03
N VAL A 1268 -10.75 9.75 3.27
CA VAL A 1268 -11.45 8.59 3.81
C VAL A 1268 -10.93 7.35 3.11
N HIS A 1269 -10.25 6.50 3.87
CA HIS A 1269 -9.65 5.27 3.35
C HIS A 1269 -9.99 4.11 4.29
N VAL A 1270 -9.79 2.90 3.79
CA VAL A 1270 -9.98 1.71 4.59
C VAL A 1270 -8.64 1.30 5.19
N VAL A 1271 -8.68 0.58 6.32
CA VAL A 1271 -7.46 0.31 7.09
C VAL A 1271 -6.45 -0.45 6.25
N ASP A 1272 -6.91 -1.41 5.46
CA ASP A 1272 -5.98 -2.23 4.66
C ASP A 1272 -5.23 -1.38 3.63
N LYS A 1273 -5.88 -0.38 3.04
CA LYS A 1273 -5.25 0.49 2.06
C LYS A 1273 -4.51 1.65 2.70
N TYR A 1274 -4.54 1.75 4.03
CA TYR A 1274 -3.90 2.86 4.73
C TYR A 1274 -2.62 2.45 5.45
N GLN A 1275 -2.07 1.28 5.14
CA GLN A 1275 -0.81 0.86 5.74
C GLN A 1275 0.32 1.80 5.35
N GLY A 1276 1.06 2.31 6.34
CA GLY A 1276 2.21 3.16 6.12
C GLY A 1276 1.91 4.64 6.23
N GLU A 1277 0.65 5.02 6.13
CA GLU A 1277 0.29 6.42 6.24
C GLU A 1277 0.09 6.81 7.70
N GLU A 1278 0.30 8.09 7.98
CA GLU A 1278 0.24 8.63 9.32
C GLU A 1278 -0.48 9.97 9.29
N ASN A 1279 -1.07 10.34 10.42
CA ASN A 1279 -1.85 11.57 10.47
C ASN A 1279 -1.96 12.05 11.92
N ASP A 1280 -2.39 13.30 12.06
CA ASP A 1280 -2.53 13.90 13.39
C ASP A 1280 -3.69 13.28 14.16
N ILE A 1281 -4.86 13.19 13.52
CA ILE A 1281 -6.07 12.71 14.16
C ILE A 1281 -6.70 11.63 13.29
N ILE A 1282 -7.00 10.48 13.90
CA ILE A 1282 -7.66 9.38 13.22
C ILE A 1282 -8.95 9.05 13.94
N LEU A 1283 -10.06 9.05 13.20
CA LEU A 1283 -11.36 8.64 13.70
C LEU A 1283 -11.67 7.28 13.12
N LEU A 1284 -11.83 6.27 13.98
CA LEU A 1284 -11.95 4.89 13.56
C LEU A 1284 -13.36 4.39 13.81
N SER A 1285 -13.93 3.69 12.83
CA SER A 1285 -15.27 3.13 12.92
C SER A 1285 -15.21 1.62 12.72
N LEU A 1286 -15.50 0.85 13.77
CA LEU A 1286 -15.35 -0.59 13.74
C LEU A 1286 -16.48 -1.31 13.01
N VAL A 1287 -17.66 -0.71 12.93
CA VAL A 1287 -18.80 -1.19 12.15
C VAL A 1287 -19.49 -2.40 12.76
N ARG A 1288 -18.75 -3.49 12.97
CA ARG A 1288 -19.37 -4.75 13.34
C ARG A 1288 -20.11 -4.65 14.67
N SER A 1289 -21.42 -4.92 14.64
CA SER A 1289 -22.23 -4.91 15.85
C SER A 1289 -23.47 -5.76 15.57
N ASN A 1290 -23.55 -6.94 16.18
CA ASN A 1290 -24.68 -7.84 16.00
C ASN A 1290 -24.74 -8.80 17.17
N GLN A 1291 -25.93 -9.39 17.36
CA GLN A 1291 -26.16 -10.25 18.51
C GLN A 1291 -25.52 -11.62 18.33
N GLU A 1292 -25.40 -12.10 17.10
CA GLU A 1292 -24.89 -13.45 16.87
C GLU A 1292 -23.41 -13.59 17.21
N GLY A 1293 -22.71 -12.48 17.41
CA GLY A 1293 -21.29 -12.56 17.71
C GLY A 1293 -20.40 -12.75 16.50
N LYS A 1294 -20.92 -12.50 15.31
CA LYS A 1294 -20.14 -12.63 14.08
C LYS A 1294 -19.14 -11.50 14.01
N VAL A 1295 -17.93 -11.74 14.51
CA VAL A 1295 -16.90 -10.70 14.53
C VAL A 1295 -16.43 -10.30 13.14
N GLY A 1296 -16.24 -11.26 12.25
CA GLY A 1296 -15.62 -10.94 10.97
C GLY A 1296 -14.12 -11.18 11.04
N PHE A 1297 -13.36 -10.29 10.41
CA PHE A 1297 -11.91 -10.41 10.46
C PHE A 1297 -11.26 -9.42 11.42
N LEU A 1298 -12.03 -8.79 12.31
CA LEU A 1298 -11.45 -7.97 13.37
C LEU A 1298 -10.85 -8.82 14.49
N GLN A 1299 -10.97 -10.15 14.40
CA GLN A 1299 -10.44 -11.02 15.44
C GLN A 1299 -8.95 -11.30 15.26
N ILE A 1300 -8.36 -10.90 14.14
CA ILE A 1300 -6.95 -11.17 13.88
C ILE A 1300 -6.11 -10.08 14.53
N SER A 1301 -4.92 -10.46 15.04
CA SER A 1301 -4.12 -9.53 15.83
C SER A 1301 -3.45 -8.48 14.95
N ASN A 1302 -2.93 -8.89 13.79
CA ASN A 1302 -2.15 -8.00 12.95
C ASN A 1302 -2.95 -6.78 12.51
N ARG A 1303 -4.16 -7.04 12.00
CA ARG A 1303 -4.98 -5.93 11.49
C ARG A 1303 -5.36 -4.97 12.61
N ILE A 1304 -5.50 -5.48 13.83
CA ILE A 1304 -5.81 -4.62 14.97
C ILE A 1304 -4.59 -3.78 15.33
N CYS A 1305 -3.41 -4.40 15.32
CA CYS A 1305 -2.18 -3.65 15.58
C CYS A 1305 -2.00 -2.54 14.55
N VAL A 1306 -2.49 -2.76 13.34
CA VAL A 1306 -2.39 -1.73 12.32
C VAL A 1306 -3.41 -0.61 12.55
N ALA A 1307 -4.66 -0.98 12.84
CA ALA A 1307 -5.73 0.01 12.82
C ALA A 1307 -5.61 0.99 13.98
N LEU A 1308 -5.15 0.53 15.14
CA LEU A 1308 -5.21 1.32 16.37
C LEU A 1308 -3.95 2.13 16.63
N SER A 1309 -2.98 2.13 15.72
CA SER A 1309 -1.74 2.87 15.92
C SER A 1309 -1.41 3.79 14.76
N ARG A 1310 -2.39 4.50 14.22
CA ARG A 1310 -2.17 5.29 13.01
C ARG A 1310 -2.02 6.78 13.27
N ALA A 1311 -2.62 7.31 14.33
CA ALA A 1311 -2.59 8.76 14.55
C ALA A 1311 -1.48 9.16 15.50
N LYS A 1312 -1.12 10.44 15.45
CA LYS A 1312 -0.06 10.99 16.30
C LYS A 1312 -0.61 11.47 17.64
N LYS A 1313 -1.74 12.18 17.62
CA LYS A 1313 -2.21 12.90 18.80
C LYS A 1313 -3.68 12.68 19.09
N GLY A 1314 -4.47 12.22 18.13
CA GLY A 1314 -5.90 12.09 18.32
C GLY A 1314 -6.42 10.72 17.94
N MET A 1315 -6.93 10.01 18.95
CA MET A 1315 -7.66 8.76 18.75
C MET A 1315 -9.10 8.95 19.22
N TYR A 1316 -10.05 8.67 18.34
CA TYR A 1316 -11.47 8.68 18.68
C TYR A 1316 -12.12 7.53 17.95
N CYS A 1317 -12.53 6.51 18.69
CA CYS A 1317 -13.04 5.27 18.14
C CYS A 1317 -14.50 5.08 18.53
N ILE A 1318 -15.15 4.15 17.85
CA ILE A 1318 -16.51 3.75 18.17
C ILE A 1318 -16.69 2.29 17.76
N GLY A 1319 -17.32 1.50 18.63
CA GLY A 1319 -17.55 0.11 18.34
C GLY A 1319 -18.14 -0.59 19.54
N ASN A 1320 -18.70 -1.78 19.28
CA ASN A 1320 -19.36 -2.54 20.33
C ASN A 1320 -18.32 -3.27 21.16
N MET A 1321 -18.18 -2.87 22.44
CA MET A 1321 -17.22 -3.52 23.31
C MET A 1321 -17.69 -4.89 23.77
N GLN A 1322 -19.02 -5.07 23.90
CA GLN A 1322 -19.55 -6.30 24.48
C GLN A 1322 -19.20 -7.52 23.62
N MET A 1323 -19.51 -7.48 22.33
CA MET A 1323 -19.16 -8.60 21.46
C MET A 1323 -17.67 -8.75 21.33
N LEU A 1324 -16.95 -7.64 21.16
CA LEU A 1324 -15.52 -7.71 20.89
C LEU A 1324 -14.76 -8.31 22.07
N ALA A 1325 -15.38 -8.34 23.25
CA ALA A 1325 -14.70 -8.89 24.42
C ALA A 1325 -14.35 -10.36 24.25
N LYS A 1326 -14.98 -11.06 23.31
CA LYS A 1326 -14.69 -12.48 23.12
C LYS A 1326 -13.30 -12.72 22.56
N VAL A 1327 -12.76 -11.81 21.78
CA VAL A 1327 -11.37 -11.93 21.32
C VAL A 1327 -10.44 -11.51 22.46
N PRO A 1328 -9.51 -12.37 22.90
CA PRO A 1328 -8.69 -12.03 24.07
C PRO A 1328 -7.96 -10.70 23.93
N LEU A 1329 -7.41 -10.43 22.76
CA LEU A 1329 -6.69 -9.17 22.57
C LEU A 1329 -7.61 -7.97 22.77
N TRP A 1330 -8.82 -8.02 22.20
CA TRP A 1330 -9.77 -6.93 22.38
C TRP A 1330 -10.18 -6.79 23.84
N SER A 1331 -10.30 -7.90 24.57
CA SER A 1331 -10.70 -7.80 25.96
C SER A 1331 -9.58 -7.18 26.80
N LYS A 1332 -8.32 -7.52 26.51
CA LYS A 1332 -7.21 -6.83 27.18
C LYS A 1332 -7.23 -5.34 26.88
N ILE A 1333 -7.47 -4.99 25.60
CA ILE A 1333 -7.54 -3.58 25.22
C ILE A 1333 -8.65 -2.87 25.98
N ILE A 1334 -9.83 -3.50 26.07
CA ILE A 1334 -10.96 -2.88 26.75
C ILE A 1334 -10.67 -2.74 28.24
N HIS A 1335 -10.00 -3.72 28.83
CA HIS A 1335 -9.65 -3.62 30.24
C HIS A 1335 -8.71 -2.45 30.48
N THR A 1336 -7.71 -2.29 29.62
CA THR A 1336 -6.81 -1.15 29.75
C THR A 1336 -7.57 0.16 29.60
N LEU A 1337 -8.50 0.22 28.65
CA LEU A 1337 -9.30 1.43 28.49
C LEU A 1337 -10.12 1.72 29.73
N ARG A 1338 -10.79 0.70 30.27
CA ARG A 1338 -11.63 0.87 31.46
C ARG A 1338 -10.79 1.32 32.65
N GLU A 1339 -9.51 0.95 32.67
CA GLU A 1339 -8.65 1.41 33.76
C GLU A 1339 -8.52 2.93 33.76
N ASN A 1340 -8.39 3.55 32.59
CA ASN A 1340 -8.17 4.99 32.50
C ASN A 1340 -9.46 5.77 32.29
N ASN A 1341 -10.62 5.11 32.36
CA ASN A 1341 -11.92 5.77 32.25
C ASN A 1341 -12.11 6.47 30.92
N GLN A 1342 -11.39 6.03 29.89
CA GLN A 1342 -11.50 6.62 28.56
C GLN A 1342 -12.49 5.91 27.67
N ILE A 1343 -13.38 5.11 28.25
CA ILE A 1343 -14.34 4.32 27.48
C ILE A 1343 -15.71 4.44 28.14
N GLY A 1344 -16.73 4.71 27.33
CA GLY A 1344 -18.08 4.85 27.81
C GLY A 1344 -19.09 5.00 26.68
N PRO A 1345 -20.37 5.03 27.03
CA PRO A 1345 -21.41 5.20 26.00
C PRO A 1345 -21.49 6.60 25.43
N MET A 1346 -20.96 7.61 26.12
CA MET A 1346 -21.05 8.99 25.67
C MET A 1346 -19.67 9.63 25.69
N LEU A 1347 -19.49 10.64 24.85
CA LEU A 1347 -18.21 11.34 24.75
C LEU A 1347 -18.33 12.72 25.39
N ARG A 1348 -17.41 13.03 26.30
CA ARG A 1348 -17.44 14.28 27.04
C ARG A 1348 -16.75 15.36 26.21
N LEU A 1349 -17.46 16.46 25.97
CA LEU A 1349 -16.94 17.54 25.15
C LEU A 1349 -16.71 18.78 26.02
N CYS A 1350 -16.00 19.76 25.47
CA CYS A 1350 -15.66 20.97 26.22
C CYS A 1350 -15.80 22.18 25.31
N CYS A 1351 -16.39 23.24 25.83
CA CYS A 1351 -16.40 24.53 25.12
C CYS A 1351 -15.17 25.33 25.50
N GLN A 1352 -14.43 25.79 24.50
CA GLN A 1352 -13.22 26.56 24.76
C GLN A 1352 -13.53 27.88 25.46
N ASN A 1353 -14.53 28.61 24.96
CA ASN A 1353 -14.84 29.93 25.52
C ASN A 1353 -15.54 29.82 26.87
N HIS A 1354 -16.12 28.67 27.18
CA HIS A 1354 -16.75 28.41 28.47
C HIS A 1354 -16.25 27.07 28.99
N PRO A 1355 -15.07 27.04 29.58
CA PRO A 1355 -14.51 25.76 30.05
C PRO A 1355 -15.35 25.10 31.13
N GLU A 1356 -16.23 25.83 31.79
CA GLU A 1356 -17.00 25.29 32.90
C GLU A 1356 -18.11 24.34 32.48
N THR A 1357 -18.55 24.39 31.22
CA THR A 1357 -19.65 23.55 30.76
C THR A 1357 -19.10 22.39 29.94
N HIS A 1358 -19.58 21.19 30.22
CA HIS A 1358 -19.23 20.00 29.45
C HIS A 1358 -20.49 19.38 28.87
N THR A 1359 -20.46 19.11 27.56
CA THR A 1359 -21.61 18.58 26.85
C THR A 1359 -21.34 17.14 26.47
N LEU A 1360 -22.30 16.26 26.74
CA LEU A 1360 -22.16 14.85 26.43
C LEU A 1360 -22.83 14.53 25.10
N VAL A 1361 -22.06 13.92 24.20
CA VAL A 1361 -22.54 13.61 22.85
C VAL A 1361 -22.53 12.10 22.67
N SER A 1362 -23.63 11.54 22.17
CA SER A 1362 -23.73 10.12 21.86
C SER A 1362 -24.34 9.82 20.52
N LYS A 1363 -25.06 10.77 19.90
CA LYS A 1363 -25.79 10.53 18.68
C LYS A 1363 -25.57 11.70 17.73
N ALA A 1364 -26.04 11.54 16.49
CA ALA A 1364 -25.91 12.59 15.50
C ALA A 1364 -26.66 13.85 15.92
N SER A 1365 -27.86 13.68 16.49
CA SER A 1365 -28.66 14.84 16.90
C SER A 1365 -28.05 15.59 18.06
N ASP A 1366 -27.12 14.97 18.80
CA ASP A 1366 -26.51 15.63 19.95
C ASP A 1366 -25.57 16.75 19.56
N PHE A 1367 -25.27 16.90 18.27
CA PHE A 1367 -24.41 17.98 17.81
C PHE A 1367 -25.16 19.28 17.56
N GLN A 1368 -26.47 19.31 17.75
CA GLN A 1368 -27.20 20.57 17.65
C GLN A 1368 -26.84 21.54 18.76
N LYS A 1369 -26.34 21.03 19.88
CA LYS A 1369 -25.98 21.90 21.01
C LYS A 1369 -24.71 22.71 20.74
N VAL A 1370 -23.90 22.30 19.78
CA VAL A 1370 -22.66 23.01 19.47
C VAL A 1370 -22.59 23.24 17.96
N PRO A 1371 -23.48 24.04 17.38
CA PRO A 1371 -23.47 24.20 15.92
C PRO A 1371 -22.18 24.78 15.36
N GLU A 1372 -21.54 25.69 16.07
CA GLU A 1372 -20.26 26.24 15.66
C GLU A 1372 -19.10 25.65 16.45
N GLY A 1373 -19.38 24.74 17.37
CA GLY A 1373 -18.32 24.07 18.10
C GLY A 1373 -18.03 24.66 19.46
N GLY A 1374 -18.71 25.74 19.79
CA GLY A 1374 -18.49 26.40 21.07
C GLY A 1374 -19.47 25.93 22.13
N CYS A 1375 -20.39 26.81 22.52
CA CYS A 1375 -21.45 26.43 23.45
C CYS A 1375 -22.76 26.96 22.87
N SER A 1376 -23.88 26.45 23.39
CA SER A 1376 -25.18 26.85 22.90
C SER A 1376 -25.53 28.29 23.22
N LEU A 1377 -24.75 28.95 24.08
CA LEU A 1377 -24.99 30.35 24.38
C LEU A 1377 -24.68 31.21 23.15
N PRO A 1378 -25.35 32.33 22.97
CA PRO A 1378 -25.08 33.19 21.82
C PRO A 1378 -23.69 33.82 21.92
N CYS A 1379 -23.14 34.19 20.76
CA CYS A 1379 -21.79 34.76 20.72
C CYS A 1379 -21.69 36.03 21.55
N GLU A 1380 -22.67 36.93 21.39
CA GLU A 1380 -22.78 38.13 22.20
C GLU A 1380 -21.59 39.07 22.03
N PHE A 1381 -20.78 38.84 20.99
CA PHE A 1381 -19.63 39.70 20.76
C PHE A 1381 -20.06 41.01 20.12
N ARG A 1382 -19.43 42.09 20.53
CA ARG A 1382 -19.70 43.41 19.96
C ARG A 1382 -18.84 43.61 18.72
N LEU A 1383 -19.47 43.55 17.55
CA LEU A 1383 -18.76 43.77 16.30
C LEU A 1383 -18.33 45.22 16.18
N GLY A 1384 -17.34 45.45 15.29
CA GLY A 1384 -16.86 46.80 15.06
C GLY A 1384 -17.87 47.73 14.45
N CYS A 1385 -18.93 47.17 13.84
CA CYS A 1385 -20.00 47.97 13.27
C CYS A 1385 -21.04 48.39 14.29
N GLY A 1386 -20.91 47.93 15.55
CA GLY A 1386 -21.88 48.25 16.58
C GLY A 1386 -22.93 47.19 16.82
N HIS A 1387 -23.13 46.27 15.88
CA HIS A 1387 -24.08 45.20 16.06
C HIS A 1387 -23.46 44.07 16.85
N VAL A 1388 -24.26 43.03 17.08
CA VAL A 1388 -23.81 41.86 17.82
C VAL A 1388 -23.82 40.66 16.88
N CYS A 1389 -22.86 39.76 17.06
CA CYS A 1389 -22.73 38.60 16.20
C CYS A 1389 -23.98 37.72 16.30
N THR A 1390 -24.62 37.48 15.16
CA THR A 1390 -25.84 36.67 15.12
C THR A 1390 -25.55 35.18 15.24
N ARG A 1391 -24.31 34.75 15.04
CA ARG A 1391 -23.93 33.38 15.31
C ARG A 1391 -23.89 33.12 16.81
N ALA A 1392 -23.98 31.86 17.17
CA ALA A 1392 -23.78 31.49 18.57
C ALA A 1392 -22.27 31.42 18.87
N CYS A 1393 -21.95 30.83 20.02
CA CYS A 1393 -20.56 30.74 20.44
C CYS A 1393 -19.73 30.00 19.40
N HIS A 1394 -18.58 30.58 19.05
CA HIS A 1394 -17.68 29.99 18.08
C HIS A 1394 -16.24 30.32 18.44
N PRO A 1395 -15.35 29.32 18.47
CA PRO A 1395 -13.94 29.60 18.73
C PRO A 1395 -13.18 30.10 17.52
N TYR A 1396 -13.59 29.73 16.30
CA TYR A 1396 -12.91 30.19 15.11
C TYR A 1396 -13.14 31.67 14.89
N ASP A 1397 -12.10 32.35 14.42
CA ASP A 1397 -12.16 33.79 14.14
C ASP A 1397 -12.65 34.57 15.35
N SER A 1398 -11.87 34.50 16.44
CA SER A 1398 -12.24 35.22 17.65
C SER A 1398 -12.27 36.71 17.44
N SER A 1399 -11.53 37.22 16.46
CA SER A 1399 -11.53 38.63 16.13
C SER A 1399 -12.72 39.04 15.26
N HIS A 1400 -13.46 38.08 14.72
CA HIS A 1400 -14.61 38.36 13.86
C HIS A 1400 -14.21 39.20 12.64
N LYS A 1401 -12.95 39.11 12.23
CA LYS A 1401 -12.48 39.90 11.11
C LYS A 1401 -13.12 39.45 9.80
N GLU A 1402 -13.29 38.13 9.64
CA GLU A 1402 -13.90 37.59 8.43
C GLU A 1402 -15.42 37.44 8.55
N PHE A 1403 -16.00 37.83 9.68
CA PHE A 1403 -17.45 37.77 9.85
C PHE A 1403 -18.12 38.91 9.08
N GLN A 1404 -19.30 38.64 8.54
CA GLN A 1404 -20.06 39.64 7.81
C GLN A 1404 -21.38 39.87 8.55
N CYS A 1405 -21.64 41.12 8.91
CA CYS A 1405 -22.85 41.48 9.65
C CYS A 1405 -24.06 41.38 8.73
N MET A 1406 -25.07 40.61 9.15
CA MET A 1406 -26.30 40.47 8.39
C MET A 1406 -27.37 41.48 8.79
N LYS A 1407 -27.16 42.22 9.87
CA LYS A 1407 -28.15 43.19 10.34
C LYS A 1407 -28.17 44.40 9.41
N PRO A 1408 -29.25 45.19 9.41
CA PRO A 1408 -29.31 46.35 8.52
C PRO A 1408 -28.26 47.40 8.84
N CYS A 1409 -27.84 48.12 7.80
CA CYS A 1409 -26.76 49.10 7.96
C CYS A 1409 -27.23 50.31 8.74
N GLN A 1410 -28.32 50.95 8.29
CA GLN A 1410 -28.98 52.06 8.99
C GLN A 1410 -28.13 53.33 8.94
N LYS A 1411 -26.93 53.24 8.38
CA LYS A 1411 -26.02 54.38 8.33
C LYS A 1411 -26.59 55.50 7.48
N VAL A 1412 -26.51 56.73 7.99
CA VAL A 1412 -26.91 57.89 7.21
C VAL A 1412 -25.92 58.09 6.07
N ILE A 1413 -26.44 58.18 4.85
CA ILE A 1413 -25.61 58.23 3.65
C ILE A 1413 -25.84 59.49 2.84
N CYS A 1414 -26.89 60.26 3.13
CA CYS A 1414 -27.19 61.45 2.36
C CYS A 1414 -27.58 62.57 3.31
N GLN A 1415 -27.54 63.80 2.79
CA GLN A 1415 -27.82 64.97 3.61
C GLN A 1415 -29.29 65.06 4.01
N GLU A 1416 -30.18 64.32 3.34
CA GLU A 1416 -31.60 64.34 3.69
C GLU A 1416 -31.93 63.43 4.85
N GLY A 1417 -30.95 62.72 5.42
CA GLY A 1417 -31.20 61.87 6.55
C GLY A 1417 -31.67 60.47 6.23
N HIS A 1418 -31.76 60.12 4.95
CA HIS A 1418 -32.16 58.77 4.58
C HIS A 1418 -31.10 57.76 5.01
N ARG A 1419 -31.55 56.63 5.54
CA ARG A 1419 -30.67 55.61 6.06
C ARG A 1419 -30.38 54.57 4.98
N CYS A 1420 -29.19 53.98 5.05
CA CYS A 1420 -28.76 53.03 4.04
C CYS A 1420 -29.62 51.77 4.12
N PRO A 1421 -30.29 51.37 3.04
CA PRO A 1421 -31.13 50.17 3.08
C PRO A 1421 -30.36 48.87 3.01
N LEU A 1422 -29.05 48.93 2.74
CA LEU A 1422 -28.27 47.72 2.51
C LEU A 1422 -27.95 47.02 3.83
N VAL A 1423 -27.26 45.89 3.71
CA VAL A 1423 -26.80 45.15 4.87
C VAL A 1423 -25.63 45.89 5.49
N CYS A 1424 -25.39 45.66 6.78
CA CYS A 1424 -24.37 46.41 7.50
C CYS A 1424 -22.98 46.12 6.96
N PHE A 1425 -22.69 44.85 6.66
CA PHE A 1425 -21.37 44.48 6.16
C PHE A 1425 -21.11 44.99 4.75
N GLN A 1426 -22.17 45.25 3.98
CA GLN A 1426 -22.01 45.78 2.64
C GLN A 1426 -21.64 47.25 2.68
N GLU A 1427 -20.85 47.67 1.70
CA GLU A 1427 -20.45 49.07 1.61
C GLU A 1427 -21.64 49.92 1.17
N CYS A 1428 -21.78 51.08 1.79
CA CYS A 1428 -22.93 51.93 1.54
C CYS A 1428 -22.92 52.46 0.11
N GLN A 1429 -24.04 52.36 -0.56
CA GLN A 1429 -24.23 52.87 -1.90
C GLN A 1429 -25.00 54.18 -1.87
N PRO A 1430 -24.98 54.95 -2.95
CA PRO A 1430 -25.74 56.21 -2.97
C PRO A 1430 -27.23 55.98 -2.74
N CYS A 1431 -27.86 56.96 -2.09
CA CYS A 1431 -29.27 56.83 -1.73
C CYS A 1431 -30.14 56.75 -2.98
N GLN A 1432 -30.96 55.70 -3.04
CA GLN A 1432 -31.85 55.48 -4.17
C GLN A 1432 -33.29 55.84 -3.82
N CYS A 1450 -32.42 59.87 -4.35
CA CYS A 1450 -32.05 61.10 -3.66
C CYS A 1450 -30.66 61.57 -4.09
N SER A 1451 -29.79 60.61 -4.39
CA SER A 1451 -28.43 60.92 -4.81
C SER A 1451 -28.41 61.49 -6.23
#